data_4MVN
#
_entry.id   4MVN
#
_cell.length_a   73.131
_cell.length_b   81.626
_cell.length_c   133.787
_cell.angle_alpha   90.00
_cell.angle_beta   90.00
_cell.angle_gamma   90.00
#
_symmetry.space_group_name_H-M   'P 21 21 21'
#
loop_
_entity.id
_entity.type
_entity.pdbx_description
1 polymer 'Serine protease splA'
2 non-polymer '[(1S)-1-{[(benzyloxy)carbonyl]amino}-2-phenylethyl]phosphonic acid'
3 water water
#
_entity_poly.entity_id   1
_entity_poly.type   'polypeptide(L)'
_entity_poly.pdbx_seq_one_letter_code
;EKNVKEITDATKEPYNSVVAFVGGTGVVVGKNTIVTNKHIAKSNDIFKNRVSAHHSSKGKGGGNYDVKDIVEYPGKEDLA
IVHVHETSTEGLNFNKNVSYTKFADGAKVKDRISVIGYPKGAQTKYKMFESTGTINHISGTFMEFDAYAQPGNSGSPVLN
SKHELIGILYAGSGKDESEKNFGVYFTPQLKEFIQNNIEK
;
_entity_poly.pdbx_strand_id   A,B,C,D
#
loop_
_chem_comp.id
_chem_comp.type
_chem_comp.name
_chem_comp.formula
I1S non-polymer '[(1S)-1-{[(benzyloxy)carbonyl]amino}-2-phenylethyl]phosphonic acid' 'C16 H18 N O5 P'
#
# COMPACT_ATOMS: atom_id res chain seq x y z
N GLU A 1 0.80 -3.48 -19.98
CA GLU A 1 0.93 -4.99 -20.21
C GLU A 1 0.83 -5.71 -18.86
N LYS A 2 0.23 -6.89 -18.82
CA LYS A 2 0.24 -7.60 -17.57
C LYS A 2 0.61 -9.05 -17.83
N ASN A 3 1.93 -9.29 -17.80
CA ASN A 3 2.47 -10.59 -18.05
C ASN A 3 3.51 -10.80 -17.01
N VAL A 4 3.10 -11.45 -15.92
CA VAL A 4 3.97 -11.48 -14.74
C VAL A 4 4.14 -12.92 -14.33
N LYS A 5 5.39 -13.41 -14.15
CA LYS A 5 5.62 -14.83 -13.89
C LYS A 5 6.62 -14.95 -12.79
N GLU A 6 6.42 -15.93 -11.92
CA GLU A 6 7.36 -16.12 -10.81
C GLU A 6 8.62 -16.79 -11.33
N ILE A 7 9.77 -16.28 -10.89
CA ILE A 7 11.08 -16.92 -11.09
C ILE A 7 11.20 -17.76 -9.81
N THR A 8 10.88 -19.03 -9.94
CA THR A 8 11.03 -19.93 -8.76
C THR A 8 12.46 -20.23 -8.44
N ASP A 9 13.39 -20.23 -9.43
CA ASP A 9 14.76 -20.57 -9.16
C ASP A 9 15.61 -19.45 -9.71
N ALA A 10 16.07 -18.57 -8.81
CA ALA A 10 16.78 -17.37 -9.22
C ALA A 10 18.29 -17.54 -9.06
N THR A 11 18.79 -18.78 -9.05
CA THR A 11 20.24 -18.94 -9.04
C THR A 11 20.87 -18.79 -10.42
N LYS A 12 20.04 -18.63 -11.47
CA LYS A 12 20.49 -18.55 -12.87
C LYS A 12 20.66 -17.05 -13.28
N GLU A 13 21.61 -16.73 -14.12
CA GLU A 13 21.70 -15.34 -14.70
C GLU A 13 20.47 -15.08 -15.60
N PRO A 14 19.90 -13.83 -15.58
CA PRO A 14 20.42 -12.66 -14.83
C PRO A 14 19.73 -12.57 -13.46
N TYR A 15 18.87 -13.52 -13.13
CA TYR A 15 18.10 -13.44 -11.82
C TYR A 15 19.00 -13.46 -10.62
N ASN A 16 20.21 -14.04 -10.71
CA ASN A 16 21.06 -14.05 -9.55
C ASN A 16 21.83 -12.73 -9.38
N SER A 17 21.46 -11.71 -10.15
CA SER A 17 21.91 -10.30 -9.85
C SER A 17 20.85 -9.51 -9.14
N VAL A 18 19.66 -10.11 -8.92
CA VAL A 18 18.57 -9.35 -8.31
C VAL A 18 18.61 -9.55 -6.79
N VAL A 19 18.40 -8.48 -6.01
CA VAL A 19 18.45 -8.64 -4.55
CA VAL A 19 18.50 -8.54 -4.56
C VAL A 19 17.18 -8.10 -3.90
N ALA A 20 16.86 -8.71 -2.76
CA ALA A 20 15.69 -8.27 -2.02
C ALA A 20 16.07 -7.43 -0.76
N PHE A 21 15.43 -6.27 -0.66
CA PHE A 21 15.53 -5.45 0.57
C PHE A 21 14.17 -5.55 1.23
N VAL A 22 13.98 -5.32 2.54
N VAL A 22 14.20 -5.00 2.47
CA VAL A 22 12.58 -5.52 3.13
CA VAL A 22 12.97 -4.54 3.09
C VAL A 22 11.22 -5.06 2.42
C VAL A 22 12.40 -3.47 2.22
N GLY A 23 11.29 -3.92 1.73
CA GLY A 23 10.28 -3.20 1.00
C GLY A 23 10.62 -2.88 -0.47
N GLY A 24 11.60 -3.55 -1.05
CA GLY A 24 11.90 -3.31 -2.47
C GLY A 24 13.03 -4.22 -3.01
N THR A 25 13.61 -3.75 -4.11
CA THR A 25 14.49 -4.59 -4.96
C THR A 25 15.73 -3.78 -5.27
N GLY A 26 16.81 -4.49 -5.57
CA GLY A 26 18.01 -3.79 -6.15
C GLY A 26 18.63 -4.72 -7.18
N VAL A 27 19.70 -4.24 -7.82
CA VAL A 27 20.39 -5.10 -8.86
C VAL A 27 21.94 -4.97 -8.55
N VAL A 28 22.61 -6.10 -8.67
CA VAL A 28 24.08 -6.12 -8.51
C VAL A 28 24.78 -5.70 -9.79
N VAL A 29 25.73 -4.72 -9.64
CA VAL A 29 26.41 -4.20 -10.81
C VAL A 29 27.92 -4.42 -10.75
N GLY A 30 28.38 -4.89 -9.61
CA GLY A 30 29.84 -5.15 -9.53
C GLY A 30 30.17 -5.57 -8.17
N LYS A 31 31.48 -5.74 -7.93
CA LYS A 31 31.93 -6.35 -6.63
C LYS A 31 31.32 -5.60 -5.43
N ASN A 32 30.63 -6.33 -4.56
CA ASN A 32 29.94 -5.84 -3.41
C ASN A 32 29.01 -4.64 -3.64
N THR A 33 28.56 -4.40 -4.86
CA THR A 33 27.87 -3.13 -5.13
C THR A 33 26.48 -3.35 -5.81
N ILE A 34 25.47 -2.73 -5.24
CA ILE A 34 24.06 -2.87 -5.64
C ILE A 34 23.56 -1.48 -6.00
N VAL A 35 22.67 -1.39 -6.98
CA VAL A 35 21.95 -0.12 -7.26
C VAL A 35 20.50 -0.30 -6.85
N THR A 36 19.89 0.73 -6.26
CA THR A 36 18.49 0.70 -5.87
C THR A 36 18.01 2.18 -5.77
N ASN A 37 16.77 2.40 -5.32
CA ASN A 37 16.25 3.79 -5.06
C ASN A 37 16.82 4.34 -3.79
N LYS A 38 16.81 5.69 -3.68
CA LYS A 38 17.27 6.33 -2.42
C LYS A 38 16.59 5.87 -1.15
N HIS A 39 15.26 5.85 -1.12
CA HIS A 39 14.53 5.54 0.13
C HIS A 39 14.64 4.12 0.51
N ILE A 40 14.86 3.23 -0.48
CA ILE A 40 15.04 1.85 -0.13
C ILE A 40 16.36 1.66 0.61
N ALA A 41 17.42 2.29 0.13
CA ALA A 41 18.74 2.20 0.79
C ALA A 41 18.68 2.85 2.17
N LYS A 42 18.05 4.02 2.21
CA LYS A 42 17.95 4.84 3.43
C LYS A 42 17.14 4.28 4.59
N SER A 43 15.97 3.75 4.30
CA SER A 43 15.08 3.24 5.35
C SER A 43 15.65 1.92 5.87
N ASN A 44 16.40 1.25 5.00
CA ASN A 44 17.17 0.12 5.46
C ASN A 44 18.28 0.50 6.44
N ASP A 45 18.85 1.69 6.37
CA ASP A 45 19.88 2.09 7.36
C ASP A 45 19.35 2.47 8.76
N ILE A 46 18.02 2.48 8.93
CA ILE A 46 17.36 2.65 10.22
C ILE A 46 17.28 1.35 11.05
N PHE A 47 16.90 0.24 10.42
CA PHE A 47 16.83 -1.06 11.11
C PHE A 47 18.11 -1.87 10.93
N LYS A 48 19.05 -1.31 10.15
CA LYS A 48 20.22 -2.03 9.67
C LYS A 48 19.87 -3.49 9.24
N ASN A 49 18.83 -3.65 8.41
CA ASN A 49 18.50 -5.01 7.92
C ASN A 49 19.48 -5.44 6.80
N ARG A 50 19.58 -6.73 6.61
CA ARG A 50 20.42 -7.37 5.58
C ARG A 50 19.69 -7.34 4.24
N VAL A 51 20.43 -7.64 3.17
CA VAL A 51 19.86 -7.68 1.82
C VAL A 51 20.01 -9.12 1.42
N SER A 52 19.00 -9.70 0.76
CA SER A 52 19.07 -11.14 0.43
C SER A 52 19.44 -11.27 -1.04
N ALA A 53 20.45 -12.08 -1.35
CA ALA A 53 20.88 -12.26 -2.76
C ALA A 53 19.90 -13.25 -3.41
N HIS A 54 19.23 -12.72 -4.39
CA HIS A 54 18.34 -13.50 -5.28
C HIS A 54 17.38 -14.47 -4.59
N HIS A 55 16.73 -14.02 -3.52
CA HIS A 55 15.78 -14.88 -2.87
C HIS A 55 14.69 -15.33 -3.86
N SER A 56 14.38 -16.61 -3.76
CA SER A 56 13.32 -17.20 -4.60
C SER A 56 12.76 -18.39 -3.89
N SER A 57 11.57 -18.76 -4.30
CA SER A 57 10.85 -19.79 -3.55
C SER A 57 11.49 -21.18 -3.59
N LYS A 58 12.15 -21.51 -4.68
CA LYS A 58 12.80 -22.80 -4.81
C LYS A 58 14.29 -22.78 -4.95
N GLY A 59 14.92 -21.64 -5.22
CA GLY A 59 16.33 -21.67 -5.49
C GLY A 59 17.22 -21.83 -4.24
N LYS A 60 18.37 -22.46 -4.40
CA LYS A 60 19.40 -22.50 -3.34
C LYS A 60 19.71 -21.09 -2.89
N GLY A 61 19.65 -20.80 -1.58
CA GLY A 61 19.85 -19.40 -1.12
C GLY A 61 21.21 -18.83 -1.52
N GLY A 62 21.27 -17.53 -1.85
CA GLY A 62 22.56 -16.85 -2.18
C GLY A 62 23.28 -16.16 -1.00
N GLY A 63 22.63 -16.18 0.16
CA GLY A 63 23.13 -15.48 1.35
C GLY A 63 22.37 -14.21 1.68
N ASN A 64 22.50 -13.76 2.95
CA ASN A 64 21.88 -12.52 3.40
C ASN A 64 22.98 -11.63 3.95
N TYR A 65 23.19 -10.48 3.33
CA TYR A 65 24.46 -9.73 3.50
C TYR A 65 24.22 -8.40 4.25
N ASP A 66 25.15 -8.00 5.08
CA ASP A 66 25.01 -6.70 5.79
C ASP A 66 25.43 -5.54 4.92
N VAL A 67 24.75 -4.39 5.04
CA VAL A 67 25.14 -3.21 4.31
C VAL A 67 26.33 -2.48 4.97
N LYS A 68 27.37 -2.20 4.18
CA LYS A 68 28.59 -1.45 4.63
C LYS A 68 28.33 0.07 4.54
N ASP A 69 27.83 0.57 3.43
CA ASP A 69 27.54 2.02 3.31
C ASP A 69 26.67 2.29 2.09
N ILE A 70 26.16 3.51 2.03
CA ILE A 70 25.33 3.92 0.90
C ILE A 70 25.94 5.18 0.29
N VAL A 71 25.89 5.29 -1.04
CA VAL A 71 26.23 6.53 -1.77
C VAL A 71 25.03 6.93 -2.60
N GLU A 72 24.40 8.04 -2.22
CA GLU A 72 23.27 8.59 -2.97
C GLU A 72 23.78 9.33 -4.17
N TYR A 73 23.05 9.26 -5.28
CA TYR A 73 23.38 10.11 -6.44
C TYR A 73 23.12 11.57 -5.94
N PRO A 74 24.06 12.50 -6.20
CA PRO A 74 23.78 13.91 -5.75
C PRO A 74 22.53 14.58 -6.35
N GLY A 75 22.29 14.33 -7.64
CA GLY A 75 21.09 14.88 -8.34
C GLY A 75 19.78 14.40 -7.74
N LYS A 76 18.67 14.82 -8.34
CA LYS A 76 17.37 14.42 -7.82
C LYS A 76 16.95 13.00 -8.23
N GLU A 77 17.60 12.48 -9.27
CA GLU A 77 17.33 11.12 -9.75
C GLU A 77 17.34 10.16 -8.58
N ASP A 78 16.40 9.22 -8.61
CA ASP A 78 16.12 8.34 -7.49
C ASP A 78 17.03 7.10 -7.54
N LEU A 79 18.30 7.32 -7.31
CA LEU A 79 19.36 6.35 -7.50
C LEU A 79 20.34 6.36 -6.35
N ALA A 80 20.71 5.18 -5.82
CA ALA A 80 21.65 5.06 -4.70
C ALA A 80 22.45 3.79 -4.91
N ILE A 81 23.73 3.86 -4.56
CA ILE A 81 24.64 2.76 -4.52
C ILE A 81 24.62 2.17 -3.11
N VAL A 82 24.51 0.84 -2.97
CA VAL A 82 24.58 0.20 -1.70
C VAL A 82 25.80 -0.70 -1.76
N HIS A 83 26.74 -0.53 -0.83
CA HIS A 83 27.82 -1.50 -0.70
C HIS A 83 27.54 -2.50 0.38
N VAL A 84 27.85 -3.77 0.13
CA VAL A 84 27.66 -4.77 1.18
C VAL A 84 29.05 -5.26 1.71
N HIS A 85 29.02 -5.81 2.92
CA HIS A 85 30.15 -6.58 3.48
C HIS A 85 30.16 -7.91 2.73
N GLU A 86 31.29 -8.20 2.15
CA GLU A 86 31.41 -9.38 1.28
C GLU A 86 31.05 -10.72 1.95
N THR A 87 31.34 -10.88 3.26
CA THR A 87 31.10 -12.16 3.89
C THR A 87 29.89 -12.07 4.77
N SER A 88 28.95 -12.97 4.54
CA SER A 88 27.77 -12.94 5.36
C SER A 88 28.06 -13.54 6.74
N THR A 89 27.13 -13.36 7.66
CA THR A 89 27.28 -14.01 8.97
C THR A 89 27.30 -15.50 8.89
N GLU A 90 26.82 -16.08 7.78
CA GLU A 90 26.91 -17.53 7.56
C GLU A 90 28.15 -18.03 6.77
N GLY A 91 29.05 -17.10 6.47
CA GLY A 91 30.30 -17.41 5.84
C GLY A 91 30.20 -17.52 4.34
N LEU A 92 29.08 -17.03 3.77
CA LEU A 92 28.93 -17.04 2.27
C LEU A 92 29.57 -15.78 1.71
N ASN A 93 30.12 -15.86 0.52
CA ASN A 93 30.81 -14.75 -0.11
C ASN A 93 29.86 -14.15 -1.21
N PHE A 94 29.50 -12.88 -1.03
CA PHE A 94 28.53 -12.20 -1.96
C PHE A 94 28.92 -12.43 -3.43
N ASN A 95 30.21 -12.25 -3.77
CA ASN A 95 30.67 -12.30 -5.16
C ASN A 95 30.66 -13.67 -5.75
N LYS A 96 30.73 -14.68 -4.91
CA LYS A 96 30.55 -16.05 -5.39
C LYS A 96 29.09 -16.40 -5.60
N ASN A 97 28.19 -15.57 -5.11
CA ASN A 97 26.76 -15.93 -5.12
C ASN A 97 25.91 -15.08 -6.01
N VAL A 98 26.52 -14.08 -6.63
CA VAL A 98 25.73 -13.21 -7.53
C VAL A 98 26.36 -13.08 -8.90
N SER A 99 25.66 -12.46 -9.83
CA SER A 99 26.35 -12.05 -11.08
C SER A 99 26.26 -10.53 -11.16
N TYR A 100 27.12 -9.97 -12.02
CA TYR A 100 27.14 -8.52 -12.24
C TYR A 100 26.42 -8.22 -13.52
N THR A 101 25.35 -7.42 -13.47
CA THR A 101 24.61 -7.22 -14.73
C THR A 101 25.30 -6.19 -15.57
N LYS A 102 25.35 -6.39 -16.90
CA LYS A 102 26.02 -5.43 -17.77
C LYS A 102 25.07 -4.31 -18.13
N PHE A 103 25.62 -3.15 -18.48
CA PHE A 103 24.78 -2.04 -18.89
C PHE A 103 24.30 -2.16 -20.31
N ALA A 104 23.09 -1.70 -20.57
CA ALA A 104 22.58 -1.68 -21.94
C ALA A 104 23.11 -0.54 -22.76
N ASP A 105 23.55 0.53 -22.09
CA ASP A 105 23.87 1.74 -22.84
C ASP A 105 22.72 2.29 -23.66
N GLY A 106 21.56 2.26 -23.01
CA GLY A 106 20.40 2.96 -23.46
C GLY A 106 19.46 2.01 -24.08
N ALA A 107 18.36 2.55 -24.60
CA ALA A 107 17.25 1.79 -25.16
C ALA A 107 16.49 2.71 -26.09
N LYS A 108 15.38 2.20 -26.67
CA LYS A 108 14.51 3.08 -27.53
C LYS A 108 13.13 2.86 -27.19
N VAL A 109 12.30 3.89 -27.42
CA VAL A 109 10.88 3.70 -27.31
CA VAL A 109 10.88 3.68 -27.30
C VAL A 109 10.47 2.54 -28.22
N LYS A 110 9.56 1.71 -27.70
CA LYS A 110 9.00 0.49 -28.29
C LYS A 110 9.82 -0.74 -27.99
N ASP A 111 10.98 -0.57 -27.36
CA ASP A 111 11.77 -1.75 -26.94
C ASP A 111 11.00 -2.58 -25.94
N ARG A 112 11.14 -3.91 -26.05
CA ARG A 112 10.54 -4.81 -25.10
C ARG A 112 11.48 -5.02 -23.91
N ILE A 113 10.92 -4.95 -22.71
CA ILE A 113 11.77 -4.94 -21.50
C ILE A 113 11.18 -5.85 -20.45
N SER A 114 12.00 -6.18 -19.44
CA SER A 114 11.51 -6.98 -18.28
C SER A 114 11.79 -6.18 -17.03
N VAL A 115 10.89 -6.23 -16.06
CA VAL A 115 11.15 -5.61 -14.76
C VAL A 115 11.16 -6.79 -13.83
N ILE A 116 12.21 -6.96 -13.09
CA ILE A 116 12.35 -8.22 -12.19
C ILE A 116 12.48 -7.72 -10.78
N GLY A 117 11.67 -8.29 -9.90
CA GLY A 117 11.75 -7.84 -8.48
C GLY A 117 10.82 -8.58 -7.58
N TYR A 118 10.46 -7.86 -6.49
CA TYR A 118 9.67 -8.49 -5.41
C TYR A 118 8.34 -7.79 -5.13
N PRO A 119 7.41 -7.82 -6.11
CA PRO A 119 6.09 -7.12 -5.90
C PRO A 119 5.43 -7.84 -4.73
N LYS A 120 4.96 -7.03 -3.75
CA LYS A 120 4.24 -7.60 -2.57
C LYS A 120 5.02 -8.65 -1.79
N GLY A 121 6.33 -8.43 -1.71
CA GLY A 121 7.25 -9.44 -1.14
C GLY A 121 6.84 -9.86 0.27
N ALA A 122 6.43 -8.92 1.11
CA ALA A 122 6.08 -9.27 2.47
C ALA A 122 4.84 -10.14 2.58
N GLN A 123 4.05 -10.22 1.51
CA GLN A 123 2.86 -11.09 1.43
C GLN A 123 3.10 -12.40 0.68
N THR A 124 4.23 -12.54 -0.02
CA THR A 124 4.50 -13.76 -0.76
C THR A 124 5.67 -14.59 -0.25
N LYS A 125 6.24 -14.18 0.88
CA LYS A 125 7.52 -14.73 1.32
C LYS A 125 8.62 -14.43 0.27
N TYR A 126 8.58 -13.22 -0.28
CA TYR A 126 9.61 -12.67 -1.12
C TYR A 126 9.90 -13.54 -2.35
N LYS A 127 8.81 -13.94 -3.00
CA LYS A 127 8.94 -14.53 -4.38
C LYS A 127 9.42 -13.49 -5.35
N MET A 128 10.32 -13.95 -6.24
CA MET A 128 10.81 -13.06 -7.31
C MET A 128 9.86 -13.17 -8.53
N PHE A 129 9.56 -12.04 -9.18
CA PHE A 129 8.68 -12.10 -10.38
C PHE A 129 9.30 -11.32 -11.49
N GLU A 130 9.06 -11.71 -12.72
CA GLU A 130 9.52 -10.93 -13.88
C GLU A 130 8.21 -10.49 -14.57
N SER A 131 8.16 -9.22 -14.93
CA SER A 131 7.00 -8.61 -15.54
C SER A 131 7.47 -7.97 -16.89
N THR A 132 6.82 -8.29 -17.99
CA THR A 132 7.27 -7.78 -19.28
C THR A 132 6.40 -6.62 -19.79
N GLY A 133 7.02 -5.78 -20.58
CA GLY A 133 6.29 -4.63 -21.19
C GLY A 133 7.19 -3.95 -22.17
N THR A 134 6.84 -2.71 -22.43
CA THR A 134 7.46 -1.92 -23.51
C THR A 134 7.84 -0.55 -22.97
N ILE A 135 8.96 0.00 -23.43
CA ILE A 135 9.31 1.40 -23.14
C ILE A 135 8.43 2.38 -23.92
N ASN A 136 7.74 3.25 -23.20
CA ASN A 136 6.87 4.20 -23.92
C ASN A 136 7.45 5.60 -24.08
N HIS A 137 8.40 6.02 -23.24
CA HIS A 137 8.92 7.37 -23.33
C HIS A 137 10.27 7.37 -22.71
N ILE A 138 11.20 8.06 -23.34
CA ILE A 138 12.50 8.34 -22.76
C ILE A 138 12.79 9.85 -22.87
N SER A 139 13.20 10.43 -21.75
CA SER A 139 13.68 11.84 -21.78
CA SER A 139 13.66 11.83 -21.77
C SER A 139 14.69 12.08 -20.68
N GLY A 140 15.90 12.45 -21.06
CA GLY A 140 16.97 12.62 -20.10
C GLY A 140 17.24 11.36 -19.28
N THR A 141 17.09 11.50 -17.97
CA THR A 141 17.21 10.37 -17.00
C THR A 141 15.84 9.79 -16.65
N PHE A 142 14.78 10.13 -17.44
CA PHE A 142 13.45 9.57 -17.14
C PHE A 142 13.01 8.59 -18.19
N MET A 143 12.35 7.51 -17.77
CA MET A 143 11.67 6.65 -18.68
C MET A 143 10.32 6.21 -18.16
N GLU A 144 9.43 5.93 -19.09
CA GLU A 144 8.14 5.37 -18.75
C GLU A 144 7.99 4.08 -19.50
N PHE A 145 7.42 3.06 -18.86
CA PHE A 145 7.17 1.76 -19.50
C PHE A 145 5.93 1.14 -18.94
N ASP A 146 5.40 0.12 -19.61
CA ASP A 146 4.05 -0.36 -19.27
C ASP A 146 4.01 -1.77 -18.69
N ALA A 147 5.17 -2.30 -18.25
CA ALA A 147 5.13 -3.58 -17.49
C ALA A 147 4.43 -3.38 -16.15
N TYR A 148 3.53 -4.30 -15.81
CA TYR A 148 2.82 -4.25 -14.53
C TYR A 148 3.82 -4.22 -13.33
N ALA A 149 3.56 -3.33 -12.36
CA ALA A 149 4.47 -3.21 -11.23
C ALA A 149 3.61 -2.87 -10.03
N GLN A 150 4.09 -3.24 -8.87
CA GLN A 150 3.38 -3.07 -7.59
C GLN A 150 4.35 -2.60 -6.50
N PRO A 151 3.83 -2.20 -5.32
CA PRO A 151 4.69 -2.06 -4.15
C PRO A 151 5.56 -3.26 -3.98
N GLY A 152 6.85 -2.98 -3.78
CA GLY A 152 7.85 -4.02 -3.74
C GLY A 152 8.77 -3.93 -4.95
N ASN A 153 8.29 -3.31 -6.02
CA ASN A 153 9.13 -3.21 -7.21
C ASN A 153 10.00 -1.99 -7.22
N SER A 154 9.96 -1.09 -6.22
CA SER A 154 10.92 0.04 -6.34
C SER A 154 12.34 -0.49 -6.24
N GLY A 155 13.17 0.07 -7.11
CA GLY A 155 14.57 -0.39 -7.25
C GLY A 155 14.74 -1.53 -8.23
N SER A 156 13.64 -2.06 -8.80
CA SER A 156 13.79 -3.26 -9.68
C SER A 156 14.57 -2.91 -10.95
N PRO A 157 15.46 -3.80 -11.40
CA PRO A 157 16.11 -3.55 -12.66
C PRO A 157 15.09 -3.67 -13.78
N VAL A 158 15.28 -2.79 -14.74
CA VAL A 158 14.61 -2.90 -16.03
C VAL A 158 15.67 -3.40 -17.03
N LEU A 159 15.44 -4.61 -17.60
CA LEU A 159 16.37 -5.23 -18.54
C LEU A 159 15.89 -5.20 -19.96
N ASN A 160 16.81 -5.13 -20.89
CA ASN A 160 16.50 -5.23 -22.31
C ASN A 160 16.42 -6.71 -22.76
N SER A 161 16.20 -6.85 -24.03
CA SER A 161 16.01 -8.22 -24.63
C SER A 161 17.30 -9.05 -24.57
N LYS A 162 18.45 -8.45 -24.21
CA LYS A 162 19.72 -9.18 -24.06
CA LYS A 162 19.71 -9.19 -24.06
C LYS A 162 20.12 -9.29 -22.59
N HIS A 163 19.16 -9.04 -21.69
CA HIS A 163 19.40 -9.08 -20.21
C HIS A 163 20.38 -8.03 -19.75
N GLU A 164 20.45 -6.89 -20.43
CA GLU A 164 21.30 -5.85 -19.97
C GLU A 164 20.47 -4.74 -19.28
N LEU A 165 21.15 -4.03 -18.41
CA LEU A 165 20.45 -3.08 -17.52
C LEU A 165 20.25 -1.74 -18.17
N ILE A 166 18.99 -1.35 -18.28
CA ILE A 166 18.62 -0.02 -18.88
C ILE A 166 18.48 1.04 -17.77
N GLY A 167 17.94 0.65 -16.64
CA GLY A 167 17.66 1.58 -15.52
C GLY A 167 17.00 0.82 -14.42
N ILE A 168 16.36 1.56 -13.52
CA ILE A 168 15.61 0.96 -12.45
C ILE A 168 14.25 1.60 -12.24
N LEU A 169 13.28 0.84 -11.80
CA LEU A 169 11.95 1.44 -11.53
C LEU A 169 12.07 2.31 -10.29
N TYR A 170 11.40 3.46 -10.28
CA TYR A 170 11.25 4.19 -9.02
C TYR A 170 9.81 4.49 -8.63
N ALA A 171 8.87 4.49 -9.57
CA ALA A 171 7.48 4.85 -9.12
C ALA A 171 6.45 4.28 -10.05
N GLY A 172 5.25 4.07 -9.51
CA GLY A 172 4.08 3.86 -10.32
C GLY A 172 3.20 5.14 -10.41
N SER A 173 2.07 5.00 -11.08
CA SER A 173 1.11 6.12 -11.24
C SER A 173 -0.29 5.51 -11.14
N GLY A 174 -1.20 6.33 -10.66
CA GLY A 174 -2.57 5.90 -10.41
C GLY A 174 -2.87 4.48 -9.87
N LYS A 175 -4.17 4.29 -9.75
CA LYS A 175 -4.77 3.67 -8.60
C LYS A 175 -4.57 2.15 -8.40
N ASP A 176 -4.67 1.36 -9.46
N SER A 178 -0.94 -0.95 -11.70
CA SER A 178 -0.19 0.07 -12.39
C SER A 178 0.52 -0.52 -13.64
N GLU A 179 0.09 -0.04 -14.80
CA GLU A 179 0.79 -0.34 -16.07
C GLU A 179 1.32 0.95 -16.73
N LYS A 180 1.53 2.01 -15.93
CA LYS A 180 2.19 3.21 -16.41
C LYS A 180 3.16 3.49 -15.31
N ASN A 181 4.40 3.02 -15.50
CA ASN A 181 5.41 3.08 -14.47
C ASN A 181 6.64 3.85 -14.91
N PHE A 182 7.35 4.39 -13.95
CA PHE A 182 8.43 5.32 -14.19
C PHE A 182 9.73 4.73 -13.69
N GLY A 183 10.76 5.00 -14.47
CA GLY A 183 12.11 4.59 -14.06
C GLY A 183 13.19 5.64 -14.18
N VAL A 184 14.33 5.37 -13.56
CA VAL A 184 15.54 6.17 -13.81
C VAL A 184 16.17 5.49 -15.02
N TYR A 185 16.37 6.22 -16.11
CA TYR A 185 17.00 5.71 -17.30
C TYR A 185 18.47 6.03 -17.19
N PHE A 186 19.33 5.03 -17.33
CA PHE A 186 20.75 5.27 -17.21
C PHE A 186 21.43 5.90 -18.41
N THR A 187 21.65 7.21 -18.30
CA THR A 187 22.43 7.92 -19.34
C THR A 187 23.94 7.63 -19.12
N PRO A 188 24.83 8.03 -20.06
CA PRO A 188 26.32 7.94 -19.74
C PRO A 188 26.70 8.57 -18.44
N GLN A 189 26.05 9.69 -18.09
CA GLN A 189 26.40 10.31 -16.82
C GLN A 189 26.04 9.43 -15.63
N LEU A 190 24.83 8.85 -15.64
CA LEU A 190 24.46 7.95 -14.53
C LEU A 190 25.30 6.64 -14.56
N LYS A 191 25.61 6.10 -15.74
CA LYS A 191 26.48 4.92 -15.85
C LYS A 191 27.85 5.20 -15.23
N GLU A 192 28.39 6.40 -15.48
CA GLU A 192 29.70 6.73 -15.01
C GLU A 192 29.68 6.89 -13.49
N PHE A 193 28.62 7.49 -12.95
CA PHE A 193 28.41 7.58 -11.53
C PHE A 193 28.44 6.18 -10.93
N ILE A 194 27.66 5.26 -11.54
CA ILE A 194 27.60 3.93 -10.93
C ILE A 194 28.97 3.27 -10.98
N GLN A 195 29.58 3.26 -12.16
CA GLN A 195 30.86 2.50 -12.35
C GLN A 195 31.97 3.04 -11.44
N ASN A 196 31.99 4.36 -11.25
CA ASN A 196 33.01 5.02 -10.38
C ASN A 196 32.85 4.62 -8.93
N ASN A 197 31.65 4.09 -8.59
CA ASN A 197 31.36 3.68 -7.27
C ASN A 197 31.25 2.17 -7.03
N ILE A 198 31.73 1.37 -7.97
CA ILE A 198 31.84 -0.07 -7.72
C ILE A 198 33.14 -0.32 -6.97
N GLU A 199 33.10 -1.10 -5.92
CA GLU A 199 34.36 -1.45 -5.19
C GLU A 199 35.36 -2.12 -6.06
N LYS A 200 36.62 -1.77 -5.79
CA LYS A 200 37.74 -2.29 -6.53
C LYS A 200 38.25 -3.65 -5.99
N GLU B 1 -12.22 9.83 9.61
CA GLU B 1 -11.62 11.13 10.12
C GLU B 1 -10.19 11.28 9.61
N LYS B 2 -9.78 12.50 9.19
CA LYS B 2 -8.38 12.71 8.80
C LYS B 2 -7.72 13.75 9.65
N ASN B 3 -7.33 13.36 10.86
CA ASN B 3 -6.62 14.25 11.79
C ASN B 3 -5.35 13.58 12.34
N VAL B 4 -4.24 13.76 11.62
CA VAL B 4 -3.03 13.03 11.87
C VAL B 4 -1.97 14.09 12.24
N LYS B 5 -1.28 13.87 13.34
CA LYS B 5 -0.21 14.79 13.77
C LYS B 5 1.10 14.03 13.85
N GLU B 6 2.24 14.63 13.47
CA GLU B 6 3.53 13.94 13.65
C GLU B 6 3.98 14.13 15.08
N ILE B 7 4.44 13.04 15.69
CA ILE B 7 5.10 13.07 16.99
C ILE B 7 6.59 13.15 16.73
N THR B 8 7.13 14.36 16.80
CA THR B 8 8.53 14.55 16.43
C THR B 8 9.46 14.01 17.48
N ASP B 9 9.02 14.07 18.73
CA ASP B 9 9.81 13.60 19.88
C ASP B 9 9.04 12.59 20.73
N ALA B 10 9.48 11.33 20.65
CA ALA B 10 8.67 10.24 21.20
C ALA B 10 9.23 9.74 22.53
N THR B 11 9.96 10.61 23.23
CA THR B 11 10.70 10.18 24.42
C THR B 11 9.84 10.11 25.67
N LYS B 12 8.80 10.94 25.81
CA LYS B 12 7.95 10.79 26.98
C LYS B 12 6.72 9.90 26.71
N GLU B 13 6.07 9.48 27.80
CA GLU B 13 4.81 8.73 27.76
C GLU B 13 3.66 9.50 27.08
N PRO B 14 2.78 8.80 26.31
CA PRO B 14 2.80 7.34 26.03
C PRO B 14 3.59 6.98 24.77
N TYR B 15 4.19 7.97 24.10
CA TYR B 15 4.90 7.75 22.87
C TYR B 15 6.09 6.83 22.97
N ASN B 16 6.72 6.83 24.16
CA ASN B 16 7.87 5.97 24.33
C ASN B 16 7.53 4.49 24.62
N SER B 17 6.24 4.13 24.66
CA SER B 17 5.82 2.69 24.62
C SER B 17 5.51 2.20 23.21
N VAL B 18 5.59 3.05 22.20
CA VAL B 18 5.28 2.67 20.83
C VAL B 18 6.48 2.22 20.07
N VAL B 19 6.41 1.06 19.41
CA VAL B 19 7.62 0.65 18.74
C VAL B 19 7.40 0.41 17.26
N ALA B 20 8.47 0.46 16.48
CA ALA B 20 8.43 0.16 15.04
C ALA B 20 8.97 -1.22 14.74
N PHE B 21 8.20 -2.00 13.95
CA PHE B 21 8.68 -3.19 13.27
C PHE B 21 8.88 -2.72 11.85
N VAL B 22 9.52 -3.52 11.01
CA VAL B 22 9.75 -3.06 9.61
C VAL B 22 8.52 -2.60 8.83
N GLY B 23 7.43 -3.32 8.96
CA GLY B 23 6.25 -3.02 8.22
C GLY B 23 5.05 -2.79 9.12
N GLY B 24 5.26 -2.49 10.39
CA GLY B 24 4.14 -2.09 11.21
C GLY B 24 4.56 -1.57 12.56
N THR B 25 3.70 -1.75 13.56
CA THR B 25 3.78 -1.06 14.87
C THR B 25 3.55 -2.08 15.97
N GLY B 26 4.02 -1.80 17.19
CA GLY B 26 3.62 -2.57 18.33
C GLY B 26 3.62 -1.59 19.51
N VAL B 27 3.18 -2.11 20.63
CA VAL B 27 3.13 -1.34 21.88
C VAL B 27 3.70 -2.17 23.03
N VAL B 28 4.51 -1.50 23.83
CA VAL B 28 5.15 -2.22 24.96
C VAL B 28 4.22 -2.29 26.15
N VAL B 29 4.07 -3.50 26.69
CA VAL B 29 3.17 -3.75 27.81
C VAL B 29 3.82 -4.19 29.12
N GLY B 30 5.12 -4.47 29.07
CA GLY B 30 5.78 -5.03 30.24
C GLY B 30 7.25 -5.27 29.93
N LYS B 31 8.00 -5.72 30.94
CA LYS B 31 9.41 -6.05 30.75
C LYS B 31 9.73 -6.90 29.46
N ASN B 32 10.51 -6.31 28.58
CA ASN B 32 10.93 -6.88 27.27
C ASN B 32 9.77 -7.41 26.43
N THR B 33 8.59 -6.82 26.58
CA THR B 33 7.37 -7.48 26.06
C THR B 33 6.48 -6.51 25.31
N ILE B 34 6.28 -6.87 24.05
CA ILE B 34 5.51 -6.05 23.08
C ILE B 34 4.28 -6.82 22.59
N VAL B 35 3.17 -6.10 22.31
CA VAL B 35 1.99 -6.69 21.72
CA VAL B 35 2.08 -6.79 21.60
C VAL B 35 1.90 -6.14 20.25
N THR B 36 1.50 -6.98 19.26
CA THR B 36 1.39 -6.52 17.86
C THR B 36 0.61 -7.62 17.12
N ASN B 37 0.48 -7.53 15.79
CA ASN B 37 -0.30 -8.54 15.08
C ASN B 37 0.64 -9.67 14.72
N LYS B 38 0.05 -10.81 14.41
CA LYS B 38 0.86 -12.00 14.10
C LYS B 38 1.84 -11.85 12.92
N HIS B 39 1.34 -11.31 11.82
CA HIS B 39 2.23 -11.28 10.65
C HIS B 39 3.33 -10.26 10.81
N ILE B 40 3.06 -9.23 11.61
CA ILE B 40 4.01 -8.15 11.90
C ILE B 40 5.12 -8.64 12.78
N ALA B 41 4.77 -9.40 13.80
CA ALA B 41 5.76 -10.06 14.60
C ALA B 41 6.63 -11.02 13.78
N LYS B 42 6.02 -11.85 12.91
CA LYS B 42 6.70 -12.91 12.13
C LYS B 42 7.62 -12.21 11.12
N SER B 43 8.81 -12.70 10.98
CA SER B 43 9.65 -12.02 10.04
C SER B 43 10.18 -13.08 9.10
N ASN B 44 10.44 -12.69 7.86
CA ASN B 44 10.97 -13.68 6.99
C ASN B 44 12.39 -13.97 7.49
N ASP B 45 12.80 -15.24 7.48
CA ASP B 45 14.19 -15.71 7.80
C ASP B 45 15.28 -14.88 7.12
N ILE B 46 15.03 -14.40 5.92
CA ILE B 46 16.11 -13.67 5.25
C ILE B 46 16.48 -12.36 5.96
N PHE B 47 15.55 -11.77 6.69
CA PHE B 47 15.81 -10.49 7.32
C PHE B 47 15.96 -10.68 8.87
N LYS B 48 16.79 -9.90 9.53
CA LYS B 48 16.92 -9.96 11.00
C LYS B 48 15.64 -9.41 11.59
N ASN B 49 15.03 -10.12 12.54
CA ASN B 49 13.78 -9.64 13.08
C ASN B 49 14.13 -8.69 14.25
N ARG B 50 13.79 -7.41 14.16
CA ARG B 50 14.09 -6.42 15.21
C ARG B 50 13.07 -5.33 15.34
N VAL B 51 13.18 -4.55 16.42
CA VAL B 51 12.23 -3.50 16.66
C VAL B 51 13.05 -2.27 16.90
N SER B 52 12.50 -1.12 16.55
CA SER B 52 13.16 0.16 16.83
C SER B 52 12.28 0.89 17.85
N ALA B 53 12.77 1.09 19.08
CA ALA B 53 11.90 1.65 20.14
C ALA B 53 11.65 3.15 20.02
N HIS B 54 10.34 3.46 19.94
CA HIS B 54 9.82 4.81 19.76
C HIS B 54 10.62 5.69 18.80
N HIS B 55 10.95 5.07 17.65
CA HIS B 55 11.65 5.80 16.63
C HIS B 55 10.91 7.10 16.32
N SER B 56 11.69 8.15 16.04
CA SER B 56 11.10 9.44 15.68
C SER B 56 12.05 10.33 14.85
N SER B 57 11.49 11.38 14.27
CA SER B 57 12.24 12.30 13.41
C SER B 57 13.31 13.09 14.16
N LYS B 58 13.01 13.48 15.40
CA LYS B 58 13.93 14.26 16.24
C LYS B 58 14.22 13.60 17.60
N GLY B 59 13.67 12.41 17.82
CA GLY B 59 13.82 11.76 19.12
N GLY B 61 15.56 8.76 20.67
CA GLY B 61 15.02 7.43 20.28
C GLY B 61 15.69 6.28 21.02
N GLY B 62 14.92 5.22 21.32
CA GLY B 62 15.24 4.26 22.39
C GLY B 62 16.06 3.00 22.11
N GLY B 63 16.58 2.87 20.88
CA GLY B 63 17.50 1.78 20.49
C GLY B 63 16.86 0.77 19.53
N ASN B 64 17.69 0.01 18.79
CA ASN B 64 17.21 -1.21 18.09
C ASN B 64 17.41 -2.49 18.88
N TYR B 65 16.34 -3.29 18.95
CA TYR B 65 16.35 -4.51 19.73
C TYR B 65 16.03 -5.73 18.92
N ASP B 66 16.79 -6.80 19.14
CA ASP B 66 16.56 -8.02 18.42
C ASP B 66 15.41 -8.73 19.04
N VAL B 67 14.58 -9.36 18.22
CA VAL B 67 13.48 -10.17 18.73
C VAL B 67 14.07 -11.51 19.19
N LYS B 68 13.80 -11.86 20.45
CA LYS B 68 14.12 -13.16 21.03
C LYS B 68 13.12 -14.25 20.67
N ASP B 69 11.83 -14.03 20.91
CA ASP B 69 10.84 -15.04 20.61
C ASP B 69 9.46 -14.42 20.45
N ILE B 70 8.54 -15.21 19.90
CA ILE B 70 7.18 -14.78 19.63
CA ILE B 70 7.18 -14.78 19.62
C ILE B 70 6.17 -15.78 20.18
N VAL B 71 5.13 -15.27 20.82
CA VAL B 71 4.04 -16.12 21.25
C VAL B 71 2.74 -15.66 20.60
N GLU B 72 2.22 -16.48 19.67
CA GLU B 72 0.99 -16.09 18.97
C GLU B 72 -0.18 -16.43 19.86
N TYR B 73 -1.21 -15.57 19.87
CA TYR B 73 -2.44 -15.96 20.50
C TYR B 73 -2.99 -17.25 19.81
N PRO B 74 -3.42 -18.25 20.59
CA PRO B 74 -3.74 -19.50 19.84
C PRO B 74 -5.05 -19.54 19.03
N GLY B 75 -5.96 -18.60 19.27
CA GLY B 75 -7.24 -18.44 18.53
C GLY B 75 -7.13 -17.57 17.29
N LYS B 76 -8.27 -17.20 16.77
CA LYS B 76 -8.35 -16.48 15.52
C LYS B 76 -7.87 -15.05 15.67
N GLU B 77 -8.06 -14.44 16.85
CA GLU B 77 -7.62 -13.04 17.01
C GLU B 77 -6.19 -12.74 16.60
N ASP B 78 -6.02 -11.64 15.84
CA ASP B 78 -4.73 -11.31 15.27
C ASP B 78 -3.81 -10.63 16.33
N LEU B 79 -3.33 -11.45 17.28
CA LEU B 79 -2.54 -10.90 18.40
C LEU B 79 -1.35 -11.78 18.63
N ALA B 80 -0.18 -11.18 18.81
CA ALA B 80 1.08 -11.88 19.16
C ALA B 80 1.85 -11.11 20.21
N ILE B 81 2.50 -11.85 21.13
CA ILE B 81 3.41 -11.31 22.06
C ILE B 81 4.80 -11.44 21.48
N VAL B 82 5.56 -10.37 21.56
CA VAL B 82 6.90 -10.36 21.06
C VAL B 82 7.82 -10.11 22.25
N HIS B 83 8.75 -11.02 22.52
CA HIS B 83 9.77 -10.68 23.50
C HIS B 83 11.09 -10.26 22.85
N VAL B 84 11.72 -9.19 23.36
CA VAL B 84 12.99 -8.70 22.81
C VAL B 84 14.16 -9.04 23.73
N HIS B 85 15.36 -9.14 23.15
CA HIS B 85 16.59 -9.22 23.96
C HIS B 85 16.69 -7.86 24.64
N GLU B 86 17.02 -7.87 25.92
CA GLU B 86 16.97 -6.66 26.74
C GLU B 86 17.98 -5.56 26.34
N THR B 87 19.10 -5.96 25.76
CA THR B 87 20.16 -5.04 25.43
C THR B 87 20.11 -4.67 23.96
N SER B 88 20.10 -3.38 23.67
CA SER B 88 20.03 -2.93 22.29
C SER B 88 21.28 -3.29 21.52
N THR B 89 21.25 -3.06 20.21
CA THR B 89 22.43 -3.34 19.37
C THR B 89 23.58 -2.34 19.63
N GLU B 90 23.27 -1.29 20.39
CA GLU B 90 24.27 -0.28 20.75
C GLU B 90 24.49 -0.22 22.29
N GLY B 91 24.12 -1.30 23.00
CA GLY B 91 24.29 -1.42 24.47
C GLY B 91 23.24 -0.83 25.43
N LEU B 92 22.17 -0.22 24.89
CA LEU B 92 21.12 0.41 25.73
C LEU B 92 20.14 -0.60 26.26
N ASN B 93 19.58 -0.37 27.45
CA ASN B 93 18.66 -1.32 28.05
C ASN B 93 17.19 -1.01 27.71
N PHE B 94 16.48 -2.01 27.20
CA PHE B 94 15.11 -1.82 26.70
C PHE B 94 14.25 -1.11 27.72
N ASN B 95 14.17 -1.68 28.92
CA ASN B 95 13.26 -1.23 29.99
C ASN B 95 13.56 0.15 30.59
N LYS B 96 14.75 0.67 30.36
CA LYS B 96 15.09 2.00 30.83
C LYS B 96 14.73 3.01 29.79
N ASN B 97 14.49 2.52 28.55
CA ASN B 97 14.25 3.38 27.41
C ASN B 97 12.81 3.39 26.89
N VAL B 98 11.95 2.59 27.49
CA VAL B 98 10.52 2.59 27.14
C VAL B 98 9.66 2.75 28.36
N SER B 99 8.36 2.87 28.14
CA SER B 99 7.42 2.76 29.21
C SER B 99 6.42 1.68 28.87
N TYR B 100 5.70 1.26 29.90
CA TYR B 100 4.76 0.16 29.70
C TYR B 100 3.38 0.77 29.70
N THR B 101 2.64 0.52 28.64
CA THR B 101 1.36 1.16 28.52
C THR B 101 0.29 0.48 29.34
N LYS B 102 -0.44 1.28 30.12
CA LYS B 102 -1.53 0.69 30.93
C LYS B 102 -2.74 0.33 30.05
N PHE B 103 -3.45 -0.73 30.40
CA PHE B 103 -4.69 -1.11 29.72
C PHE B 103 -5.82 -0.19 30.14
N ALA B 104 -6.69 0.11 29.18
CA ALA B 104 -8.00 0.73 29.45
C ALA B 104 -9.00 -0.29 29.98
N ASP B 105 -9.91 0.14 30.85
CA ASP B 105 -10.97 -0.73 31.34
C ASP B 105 -12.02 -0.81 30.20
N GLY B 106 -11.63 -1.41 29.08
CA GLY B 106 -12.52 -1.49 27.92
C GLY B 106 -12.82 -0.12 27.32
N ALA B 107 -13.78 -0.08 26.40
CA ALA B 107 -14.16 1.14 25.74
C ALA B 107 -15.61 0.99 25.35
N LYS B 108 -16.22 2.09 24.85
CA LYS B 108 -17.65 2.14 24.40
C LYS B 108 -17.74 2.75 23.01
N VAL B 109 -18.71 2.25 22.21
CA VAL B 109 -18.94 2.89 20.92
C VAL B 109 -19.17 4.39 21.15
N LYS B 110 -18.66 5.21 20.22
CA LYS B 110 -18.68 6.67 20.24
C LYS B 110 -17.49 7.28 21.09
N ASP B 111 -16.69 6.45 21.78
CA ASP B 111 -15.48 7.00 22.42
C ASP B 111 -14.49 7.60 21.42
N ARG B 112 -13.85 8.71 21.82
CA ARG B 112 -12.70 9.26 21.09
C ARG B 112 -11.45 8.49 21.39
N ILE B 113 -10.71 8.11 20.33
CA ILE B 113 -9.50 7.37 20.51
C ILE B 113 -8.41 7.92 19.65
N SER B 114 -7.19 7.43 19.89
CA SER B 114 -6.19 7.65 18.89
C SER B 114 -5.42 6.43 18.56
N VAL B 115 -4.77 6.48 17.40
CA VAL B 115 -3.97 5.40 16.94
C VAL B 115 -2.58 5.97 16.66
N ILE B 116 -1.57 5.35 17.28
CA ILE B 116 -0.20 5.82 17.13
C ILE B 116 0.68 4.80 16.47
N GLY B 117 1.41 5.19 15.43
CA GLY B 117 2.24 4.21 14.79
C GLY B 117 3.07 4.81 13.69
N TYR B 118 3.43 3.94 12.77
CA TYR B 118 4.29 4.24 11.71
C TYR B 118 3.71 4.00 10.32
N PRO B 119 2.67 4.75 9.92
CA PRO B 119 2.12 4.78 8.55
C PRO B 119 3.22 5.21 7.54
N LYS B 120 3.41 4.40 6.50
CA LYS B 120 4.47 4.58 5.45
C LYS B 120 5.90 4.70 6.03
N GLY B 121 6.16 4.03 7.16
CA GLY B 121 7.46 4.07 7.80
C GLY B 121 8.62 3.87 6.83
N ALA B 122 8.47 2.96 5.87
CA ALA B 122 9.56 2.67 4.92
C ALA B 122 9.84 3.87 3.97
N GLN B 123 8.86 4.75 3.83
CA GLN B 123 8.94 5.85 2.88
C GLN B 123 9.19 7.17 3.61
N THR B 124 8.98 7.20 4.92
CA THR B 124 9.17 8.46 5.68
C THR B 124 10.39 8.34 6.57
N LYS B 125 11.05 7.20 6.47
CA LYS B 125 12.17 6.90 7.37
C LYS B 125 11.65 6.67 8.80
N TYR B 126 10.51 5.98 8.93
CA TYR B 126 9.92 5.60 10.23
C TYR B 126 9.61 6.74 11.22
N LYS B 127 8.95 7.78 10.70
CA LYS B 127 8.37 8.85 11.53
C LYS B 127 7.10 8.35 12.18
N MET B 128 6.83 8.87 13.36
CA MET B 128 5.73 8.43 14.20
CA MET B 128 5.73 8.43 14.20
C MET B 128 4.57 9.39 14.06
N PHE B 129 3.36 8.85 13.88
CA PHE B 129 2.19 9.71 13.75
C PHE B 129 1.09 9.32 14.73
N GLU B 130 0.26 10.28 15.09
CA GLU B 130 -0.87 10.03 15.95
C GLU B 130 -2.08 10.48 15.17
N SER B 131 -3.04 9.55 14.99
CA SER B 131 -4.26 9.84 14.23
CA SER B 131 -4.26 9.78 14.21
C SER B 131 -5.48 9.62 15.12
N THR B 132 -6.45 10.56 15.07
CA THR B 132 -7.56 10.51 15.99
C THR B 132 -8.87 10.10 15.26
N GLY B 133 -9.85 9.61 16.00
CA GLY B 133 -11.07 9.07 15.36
C GLY B 133 -11.97 8.54 16.48
N THR B 134 -12.95 7.74 16.12
CA THR B 134 -14.00 7.32 17.07
C THR B 134 -14.24 5.82 16.88
N ILE B 135 -14.62 5.13 17.98
CA ILE B 135 -14.97 3.71 17.88
C ILE B 135 -16.41 3.67 17.40
N ASN B 136 -16.62 2.91 16.33
CA ASN B 136 -17.95 2.81 15.72
C ASN B 136 -18.63 1.50 16.05
N HIS B 137 -17.87 0.48 16.44
CA HIS B 137 -18.49 -0.85 16.69
C HIS B 137 -17.59 -1.65 17.61
N ILE B 138 -18.21 -2.44 18.51
CA ILE B 138 -17.50 -3.43 19.36
C ILE B 138 -18.35 -4.70 19.43
N SER B 139 -17.72 -5.86 19.22
CA SER B 139 -18.40 -7.17 19.23
C SER B 139 -17.38 -8.24 19.62
N GLY B 140 -17.46 -8.71 20.87
CA GLY B 140 -16.51 -9.74 21.31
C GLY B 140 -15.11 -9.15 21.33
N THR B 141 -14.18 -9.77 20.56
CA THR B 141 -12.84 -9.26 20.44
C THR B 141 -12.61 -8.43 19.20
N PHE B 142 -13.71 -8.04 18.56
CA PHE B 142 -13.69 -7.19 17.34
C PHE B 142 -14.04 -5.71 17.66
N MET B 143 -13.29 -4.73 17.12
CA MET B 143 -13.81 -3.38 17.14
C MET B 143 -13.55 -2.69 15.77
N GLU B 144 -14.36 -1.67 15.49
CA GLU B 144 -14.18 -0.86 14.26
C GLU B 144 -14.01 0.59 14.70
N PHE B 145 -13.15 1.33 14.00
CA PHE B 145 -12.97 2.76 14.29
C PHE B 145 -12.51 3.48 13.08
N ASP B 146 -12.57 4.81 13.14
CA ASP B 146 -12.36 5.59 11.92
C ASP B 146 -11.20 6.61 11.87
N ALA B 147 -10.19 6.43 12.74
CA ALA B 147 -8.98 7.24 12.62
C ALA B 147 -8.34 6.82 11.28
N TYR B 148 -7.83 7.78 10.52
CA TYR B 148 -7.10 7.49 9.27
C TYR B 148 -5.90 6.52 9.52
N ALA B 149 -5.74 5.48 8.66
CA ALA B 149 -4.64 4.55 8.83
C ALA B 149 -4.10 4.20 7.47
N GLN B 150 -2.82 3.84 7.43
CA GLN B 150 -2.18 3.37 6.21
C GLN B 150 -1.31 2.17 6.45
N PRO B 151 -0.76 1.56 5.36
CA PRO B 151 0.30 0.56 5.52
C PRO B 151 1.34 1.09 6.52
N GLY B 152 1.76 0.22 7.43
CA GLY B 152 2.65 0.61 8.55
C GLY B 152 1.88 0.72 9.86
N ASN B 153 0.55 0.84 9.80
CA ASN B 153 -0.25 0.92 11.03
C ASN B 153 -0.71 -0.39 11.70
N SER B 154 -0.52 -1.51 11.03
CA SER B 154 -0.95 -2.78 11.65
C SER B 154 -0.15 -3.01 12.94
N GLY B 155 -0.87 -3.38 14.00
CA GLY B 155 -0.32 -3.58 15.33
C GLY B 155 -0.28 -2.30 16.16
N SER B 156 -0.74 -1.20 15.59
CA SER B 156 -0.73 0.11 16.34
C SER B 156 -1.64 0.05 17.53
N PRO B 157 -1.17 0.53 18.71
CA PRO B 157 -2.04 0.72 19.85
C PRO B 157 -3.18 1.69 19.53
N VAL B 158 -4.35 1.37 20.02
CA VAL B 158 -5.54 2.22 19.97
C VAL B 158 -5.79 2.62 21.44
N LEU B 159 -5.62 3.93 21.69
CA LEU B 159 -5.70 4.43 23.06
C LEU B 159 -6.92 5.31 23.29
N ASN B 160 -7.44 5.22 24.50
CA ASN B 160 -8.46 6.15 24.96
C ASN B 160 -7.82 7.56 25.26
N SER B 161 -8.67 8.50 25.67
CA SER B 161 -8.30 9.86 26.09
C SER B 161 -7.29 9.97 27.24
N LYS B 162 -7.29 8.95 28.10
CA LYS B 162 -6.30 8.79 29.18
C LYS B 162 -5.02 8.08 28.71
N HIS B 163 -4.87 7.94 27.38
CA HIS B 163 -3.74 7.22 26.79
C HIS B 163 -3.53 5.78 27.29
N GLU B 164 -4.62 5.14 27.72
CA GLU B 164 -4.63 3.70 28.06
C GLU B 164 -5.02 2.82 26.86
N LEU B 165 -4.44 1.62 26.84
CA LEU B 165 -4.60 0.64 25.71
C LEU B 165 -5.93 -0.08 25.63
N ILE B 166 -6.65 0.10 24.51
CA ILE B 166 -7.91 -0.57 24.37
C ILE B 166 -7.66 -1.84 23.52
N GLY B 167 -6.68 -1.78 22.65
CA GLY B 167 -6.57 -2.86 21.61
C GLY B 167 -5.61 -2.43 20.58
N ILE B 168 -5.44 -3.25 19.52
CA ILE B 168 -4.50 -2.88 18.53
C ILE B 168 -5.20 -2.95 17.17
N LEU B 169 -4.76 -2.09 16.26
CA LEU B 169 -5.27 -2.16 14.86
C LEU B 169 -4.81 -3.47 14.22
N TYR B 170 -5.66 -4.14 13.42
CA TYR B 170 -5.15 -5.24 12.65
C TYR B 170 -5.41 -5.08 11.11
N ALA B 171 -6.39 -4.27 10.74
CA ALA B 171 -6.70 -4.13 9.27
C ALA B 171 -7.39 -2.85 8.93
N GLY B 172 -7.10 -2.45 7.71
CA GLY B 172 -7.88 -1.37 7.13
C GLY B 172 -8.70 -1.93 5.99
N SER B 173 -9.49 -1.05 5.42
CA SER B 173 -10.34 -1.48 4.31
CA SER B 173 -10.43 -1.36 4.33
C SER B 173 -9.96 -0.86 2.96
N GLY B 174 -8.76 -0.24 2.88
CA GLY B 174 -8.26 0.19 1.55
C GLY B 174 -6.81 -0.18 1.36
N LYS B 175 -6.25 -0.17 0.15
CA LYS B 175 -4.91 -0.73 0.10
C LYS B 175 -3.89 0.32 0.55
N ASP B 176 -4.24 1.58 0.32
CA ASP B 176 -3.28 2.66 0.57
C ASP B 176 -3.63 3.45 1.83
N GLU B 177 -4.92 3.46 2.15
CA GLU B 177 -5.38 4.34 3.23
C GLU B 177 -6.77 3.92 3.60
N SER B 178 -7.21 4.29 4.79
CA SER B 178 -8.55 3.85 5.19
C SER B 178 -9.03 4.57 6.42
N GLU B 179 -10.31 4.88 6.45
CA GLU B 179 -10.98 5.45 7.59
C GLU B 179 -12.00 4.49 8.14
N LYS B 180 -11.89 3.22 7.74
CA LYS B 180 -12.77 2.20 8.30
C LYS B 180 -11.90 1.05 8.70
N ASN B 181 -11.47 1.08 9.95
CA ASN B 181 -10.41 0.22 10.39
C ASN B 181 -10.86 -0.76 11.48
N PHE B 182 -10.16 -1.87 11.55
CA PHE B 182 -10.60 -2.95 12.46
C PHE B 182 -9.50 -3.22 13.39
N GLY B 183 -9.93 -3.60 14.57
CA GLY B 183 -8.94 -3.91 15.63
C GLY B 183 -9.31 -5.08 16.50
N VAL B 184 -8.31 -5.54 17.19
CA VAL B 184 -8.51 -6.57 18.26
C VAL B 184 -8.84 -5.81 19.53
N TYR B 185 -10.04 -6.02 20.00
CA TYR B 185 -10.51 -5.38 21.23
C TYR B 185 -10.16 -6.26 22.42
N PHE B 186 -9.39 -5.71 23.37
CA PHE B 186 -8.89 -6.56 24.48
C PHE B 186 -9.95 -6.80 25.55
N THR B 187 -10.54 -7.97 25.52
CA THR B 187 -11.41 -8.51 26.56
C THR B 187 -10.54 -9.06 27.73
N PRO B 188 -11.19 -9.40 28.87
CA PRO B 188 -10.53 -10.04 30.00
C PRO B 188 -9.77 -11.32 29.63
N GLN B 189 -10.34 -12.15 28.76
CA GLN B 189 -9.68 -13.36 28.22
CA GLN B 189 -9.64 -13.35 28.31
C GLN B 189 -8.36 -13.04 27.49
N LEU B 190 -8.40 -12.03 26.60
CA LEU B 190 -7.16 -11.74 25.87
C LEU B 190 -6.13 -11.04 26.79
N LYS B 191 -6.63 -10.30 27.79
CA LYS B 191 -5.69 -9.70 28.72
C LYS B 191 -4.99 -10.78 29.64
N GLU B 192 -5.68 -11.84 29.95
CA GLU B 192 -5.07 -12.92 30.72
C GLU B 192 -3.96 -13.57 29.92
N PHE B 193 -4.24 -13.87 28.64
CA PHE B 193 -3.14 -14.26 27.71
C PHE B 193 -1.97 -13.31 27.74
N ILE B 194 -2.20 -12.01 27.61
CA ILE B 194 -1.11 -11.04 27.50
C ILE B 194 -0.33 -11.02 28.85
N GLN B 195 -1.08 -10.94 29.94
CA GLN B 195 -0.46 -10.93 31.32
C GLN B 195 0.41 -12.16 31.58
N ASN B 196 -0.08 -13.32 31.18
CA ASN B 196 0.59 -14.60 31.37
C ASN B 196 1.87 -14.70 30.51
N ASN B 197 2.02 -13.80 29.54
CA ASN B 197 3.17 -13.83 28.68
C ASN B 197 4.07 -12.65 28.82
N ILE B 198 3.90 -11.89 29.90
CA ILE B 198 4.83 -10.76 30.09
C ILE B 198 6.07 -11.27 30.83
N GLU B 199 7.28 -10.95 30.37
CA GLU B 199 8.48 -11.53 31.05
C GLU B 199 8.44 -11.09 32.51
N LYS B 200 8.75 -12.02 33.41
CA LYS B 200 8.64 -11.76 34.86
C LYS B 200 9.96 -11.22 35.44
N GLU C 1 3.45 20.57 -25.25
CA GLU C 1 3.10 21.92 -25.78
C GLU C 1 3.98 22.98 -25.12
N LYS C 2 4.31 24.06 -25.85
CA LYS C 2 5.13 25.13 -25.29
C LYS C 2 4.50 26.38 -25.82
N ASN C 3 3.52 26.88 -25.08
CA ASN C 3 2.90 28.13 -25.36
C ASN C 3 2.82 28.85 -24.02
N VAL C 4 3.79 29.72 -23.77
CA VAL C 4 3.97 30.27 -22.43
C VAL C 4 3.88 31.80 -22.59
N LYS C 5 3.06 32.43 -21.78
CA LYS C 5 2.87 33.89 -21.80
C LYS C 5 3.14 34.50 -20.41
N GLU C 6 3.85 35.64 -20.36
CA GLU C 6 4.05 36.32 -19.07
C GLU C 6 2.75 37.02 -18.69
N ILE C 7 2.38 36.95 -17.40
CA ILE C 7 1.24 37.70 -16.88
C ILE C 7 1.79 38.93 -16.21
N THR C 8 1.56 40.11 -16.80
CA THR C 8 2.19 41.32 -16.23
C THR C 8 1.33 41.98 -15.14
N ASP C 9 0.01 41.74 -15.14
CA ASP C 9 -0.84 42.25 -14.05
C ASP C 9 -1.45 41.07 -13.30
N ALA C 10 -0.84 40.71 -12.17
CA ALA C 10 -1.37 39.59 -11.44
C ALA C 10 -2.39 40.07 -10.40
N THR C 11 -2.97 41.28 -10.58
CA THR C 11 -3.99 41.72 -9.65
C THR C 11 -5.42 41.30 -10.10
N LYS C 12 -5.55 40.83 -11.33
CA LYS C 12 -6.82 40.42 -11.97
C LYS C 12 -7.05 38.93 -11.70
N GLU C 13 -8.31 38.52 -11.60
CA GLU C 13 -8.66 37.07 -11.56
C GLU C 13 -8.34 36.31 -12.84
N PRO C 14 -7.87 35.04 -12.72
CA PRO C 14 -7.53 34.18 -11.56
C PRO C 14 -6.07 34.40 -11.13
N TYR C 15 -5.37 35.33 -11.76
CA TYR C 15 -3.94 35.48 -11.47
C TYR C 15 -3.67 35.93 -10.03
N ASN C 16 -4.60 36.68 -9.44
CA ASN C 16 -4.46 37.09 -8.09
C ASN C 16 -4.68 36.01 -7.06
N SER C 17 -4.82 34.75 -7.51
CA SER C 17 -4.95 33.65 -6.58
CA SER C 17 -4.96 33.63 -6.56
C SER C 17 -3.67 32.83 -6.68
N VAL C 18 -2.69 33.26 -7.49
CA VAL C 18 -1.49 32.40 -7.70
C VAL C 18 -0.32 32.98 -6.92
N VAL C 19 0.18 32.22 -5.96
CA VAL C 19 1.14 32.80 -4.99
C VAL C 19 2.49 32.11 -5.11
N ALA C 20 3.52 32.87 -4.83
CA ALA C 20 4.90 32.35 -4.86
C ALA C 20 5.40 31.94 -3.50
N PHE C 21 6.07 30.78 -3.50
CA PHE C 21 6.82 30.31 -2.32
C PHE C 21 8.31 30.34 -2.76
N VAL C 22 9.20 30.19 -1.78
CA VAL C 22 10.64 30.22 -2.16
C VAL C 22 10.87 29.18 -3.23
N GLY C 23 10.37 27.96 -2.99
CA GLY C 23 10.66 26.89 -3.97
C GLY C 23 9.72 26.74 -5.17
N GLY C 24 8.62 27.52 -5.26
CA GLY C 24 7.53 27.03 -6.14
C GLY C 24 6.34 27.98 -6.06
N THR C 25 5.18 27.38 -6.24
CA THR C 25 3.92 28.10 -6.47
C THR C 25 2.86 27.42 -5.61
N GLY C 26 1.80 28.18 -5.34
CA GLY C 26 0.57 27.60 -4.84
C GLY C 26 -0.62 28.44 -5.27
N VAL C 27 -1.80 27.96 -4.82
CA VAL C 27 -3.06 28.64 -5.26
C VAL C 27 -3.96 28.86 -4.10
N VAL C 28 -4.57 30.10 -4.06
CA VAL C 28 -5.51 30.41 -2.96
C VAL C 28 -6.91 29.81 -3.22
N VAL C 29 -7.42 29.11 -2.20
CA VAL C 29 -8.72 28.38 -2.38
C VAL C 29 -9.77 28.93 -1.40
N GLY C 30 -9.32 29.75 -0.45
CA GLY C 30 -10.35 30.34 0.47
C GLY C 30 -9.69 31.31 1.45
N LYS C 31 -10.50 31.76 2.42
CA LYS C 31 -10.01 32.73 3.36
C LYS C 31 -8.66 32.27 3.98
N ASN C 32 -7.63 33.12 3.76
CA ASN C 32 -6.29 32.86 4.36
C ASN C 32 -5.71 31.50 4.04
N THR C 33 -6.21 30.87 2.96
CA THR C 33 -5.89 29.46 2.73
C THR C 33 -5.39 29.16 1.32
N ILE C 34 -4.22 28.51 1.28
CA ILE C 34 -3.49 28.19 0.01
C ILE C 34 -3.26 26.67 -0.05
N VAL C 35 -3.27 26.10 -1.27
CA VAL C 35 -2.77 24.73 -1.46
C VAL C 35 -1.48 24.74 -2.30
N THR C 36 -0.63 23.78 -2.02
CA THR C 36 0.61 23.61 -2.77
C THR C 36 1.18 22.21 -2.44
N ASN C 37 2.43 21.90 -2.87
CA ASN C 37 3.02 20.58 -2.58
C ASN C 37 3.66 20.66 -1.19
N LYS C 38 3.82 19.48 -0.62
CA LYS C 38 4.32 19.39 0.75
C LYS C 38 5.72 20.05 0.87
N HIS C 39 6.65 19.69 -0.01
CA HIS C 39 7.98 20.26 0.21
C HIS C 39 8.05 21.71 -0.12
N ILE C 40 7.14 22.17 -0.97
CA ILE C 40 7.11 23.62 -1.30
C ILE C 40 6.57 24.42 -0.14
N ALA C 41 5.67 23.86 0.67
CA ALA C 41 5.13 24.60 1.81
C ALA C 41 6.19 24.85 2.83
N LYS C 42 7.25 24.04 2.85
CA LYS C 42 8.35 24.36 3.74
C LYS C 42 9.67 24.68 3.02
N SER C 43 9.59 25.19 1.79
CA SER C 43 10.79 25.42 0.96
C SER C 43 11.47 26.70 1.42
N ASN C 44 10.82 27.45 2.34
CA ASN C 44 11.50 28.59 2.91
C ASN C 44 12.76 28.12 3.71
N ASP C 45 12.75 26.89 4.24
CA ASP C 45 13.95 26.31 4.85
C ASP C 45 14.44 27.26 5.96
N ILE C 46 15.58 27.88 5.78
CA ILE C 46 16.18 28.77 6.84
C ILE C 46 15.60 30.18 6.95
N PHE C 47 14.74 30.57 6.00
CA PHE C 47 14.22 31.92 5.89
C PHE C 47 12.84 31.96 6.58
N LYS C 48 12.22 33.15 6.56
CA LYS C 48 10.89 33.29 7.20
C LYS C 48 9.94 32.67 6.25
N ASN C 49 9.03 31.78 6.73
CA ASN C 49 8.10 31.18 5.77
C ASN C 49 7.11 32.21 5.36
N ARG C 50 7.19 32.60 4.10
CA ARG C 50 6.30 33.66 3.54
C ARG C 50 5.89 33.31 2.09
N VAL C 51 4.79 33.89 1.68
CA VAL C 51 4.36 33.76 0.27
C VAL C 51 4.25 35.15 -0.31
N SER C 52 4.32 35.26 -1.61
CA SER C 52 4.21 36.53 -2.30
C SER C 52 3.09 36.48 -3.32
N ALA C 53 2.35 37.57 -3.53
CA ALA C 53 1.24 37.53 -4.41
C ALA C 53 0.88 38.88 -5.00
N HIS C 54 0.01 38.81 -6.01
CA HIS C 54 -0.67 39.98 -6.65
C HIS C 54 0.28 41.12 -7.05
N HIS C 55 1.43 40.80 -7.62
CA HIS C 55 2.37 41.84 -8.12
C HIS C 55 1.90 42.45 -9.46
N SER C 56 2.38 43.64 -9.81
CA SER C 56 2.08 44.16 -11.16
C SER C 56 3.19 45.04 -11.73
N SER C 57 3.06 45.39 -13.01
CA SER C 57 4.17 46.03 -13.79
C SER C 57 4.55 47.40 -13.21
C GLY C 61 1.03 45.23 -4.49
N GLY C 62 2.20 44.60 -4.73
CA GLY C 62 2.44 43.21 -4.27
C GLY C 62 2.28 43.03 -2.78
N GLY C 63 1.91 41.82 -2.35
CA GLY C 63 1.78 41.55 -0.93
C GLY C 63 2.68 40.39 -0.53
N ASN C 64 3.24 40.50 0.66
CA ASN C 64 4.14 39.45 1.24
C ASN C 64 3.53 39.01 2.53
N TYR C 65 3.12 37.71 2.58
CA TYR C 65 2.32 37.24 3.72
C TYR C 65 3.06 36.18 4.48
N ASP C 66 2.98 36.22 5.79
CA ASP C 66 3.61 35.24 6.65
C ASP C 66 2.77 33.99 6.80
N VAL C 67 3.40 32.87 6.60
CA VAL C 67 2.71 31.61 6.82
C VAL C 67 2.43 31.40 8.34
N LYS C 68 1.18 31.00 8.64
CA LYS C 68 0.82 30.75 10.07
C LYS C 68 0.96 29.27 10.41
N ASP C 69 0.53 28.37 9.52
CA ASP C 69 0.58 26.95 9.83
C ASP C 69 0.47 26.15 8.49
N ILE C 70 0.86 24.89 8.57
CA ILE C 70 0.80 24.02 7.44
C ILE C 70 0.10 22.73 7.84
N VAL C 71 -0.88 22.29 7.05
CA VAL C 71 -1.54 20.98 7.28
C VAL C 71 -1.24 20.12 6.09
N GLU C 72 -0.45 19.07 6.31
CA GLU C 72 -0.18 18.19 5.18
C GLU C 72 -1.32 17.21 4.96
N TYR C 73 -1.61 16.86 3.70
CA TYR C 73 -2.53 15.72 3.52
C TYR C 73 -1.78 14.47 4.04
N PRO C 74 -2.48 13.61 4.81
CA PRO C 74 -1.71 12.55 5.52
C PRO C 74 -1.39 11.38 4.61
N GLY C 75 -2.02 11.28 3.46
CA GLY C 75 -1.73 10.21 2.52
C GLY C 75 -0.59 10.53 1.59
N LYS C 76 -0.48 9.76 0.52
CA LYS C 76 0.73 9.86 -0.31
C LYS C 76 0.75 11.07 -1.22
N GLU C 77 -0.44 11.63 -1.49
CA GLU C 77 -0.57 12.67 -2.49
C GLU C 77 0.19 13.93 -2.06
N ASP C 78 0.81 14.59 -3.03
CA ASP C 78 1.74 15.67 -2.74
C ASP C 78 0.97 17.01 -2.55
N LEU C 79 0.23 17.12 -1.44
CA LEU C 79 -0.72 18.24 -1.23
C LEU C 79 -0.54 18.70 0.22
N ALA C 80 -0.44 20.02 0.42
CA ALA C 80 -0.42 20.63 1.77
C ALA C 80 -1.30 21.87 1.68
N ILE C 81 -1.96 22.12 2.82
CA ILE C 81 -2.72 23.34 3.02
C ILE C 81 -1.86 24.32 3.80
N VAL C 82 -1.73 25.54 3.33
CA VAL C 82 -0.98 26.56 4.04
C VAL C 82 -1.96 27.66 4.49
N HIS C 83 -1.92 28.00 5.78
CA HIS C 83 -2.67 29.17 6.30
C HIS C 83 -1.72 30.33 6.41
N VAL C 84 -2.19 31.50 6.01
CA VAL C 84 -1.35 32.71 6.24
C VAL C 84 -2.01 33.60 7.29
N HIS C 85 -1.19 34.45 7.90
CA HIS C 85 -1.77 35.66 8.57
C HIS C 85 -2.34 36.65 7.58
N GLU C 86 -3.49 37.25 7.91
CA GLU C 86 -4.17 38.08 6.94
C GLU C 86 -3.44 39.31 6.54
N THR C 87 -2.75 39.93 7.52
CA THR C 87 -2.09 41.21 7.21
C THR C 87 -0.67 41.06 6.70
N SER C 88 -0.43 41.60 5.52
CA SER C 88 0.88 41.41 4.88
C SER C 88 1.92 42.28 5.55
N THR C 89 3.18 42.05 5.23
CA THR C 89 4.23 42.95 5.70
C THR C 89 4.02 44.43 5.25
N GLU C 90 3.37 44.67 4.11
CA GLU C 90 3.06 46.00 3.58
C GLU C 90 1.79 46.61 4.25
N GLY C 91 1.15 45.85 5.16
CA GLY C 91 -0.15 46.22 5.79
C GLY C 91 -1.42 45.87 5.01
N LEU C 92 -1.27 45.04 3.94
CA LEU C 92 -2.42 44.75 3.03
C LEU C 92 -3.24 43.57 3.55
N ASN C 93 -4.54 43.58 3.29
CA ASN C 93 -5.38 42.52 3.76
C ASN C 93 -5.45 41.41 2.67
N PHE C 94 -4.94 40.23 3.01
CA PHE C 94 -4.88 39.07 2.04
C PHE C 94 -6.21 38.94 1.36
N ASN C 95 -7.28 38.96 2.16
CA ASN C 95 -8.59 38.64 1.60
C ASN C 95 -9.24 39.74 0.74
N LYS C 96 -8.69 40.94 0.75
CA LYS C 96 -9.09 41.97 -0.25
C LYS C 96 -8.20 42.03 -1.46
N ASN C 97 -7.14 41.24 -1.50
CA ASN C 97 -6.21 41.34 -2.60
C ASN C 97 -6.06 40.08 -3.46
N VAL C 98 -6.44 38.95 -2.90
CA VAL C 98 -6.49 37.71 -3.67
C VAL C 98 -7.91 37.34 -4.08
N SER C 99 -8.05 36.28 -4.86
CA SER C 99 -9.35 35.71 -5.12
C SER C 99 -9.25 34.24 -4.74
N TYR C 100 -10.39 33.63 -4.50
CA TYR C 100 -10.45 32.21 -4.11
C TYR C 100 -10.83 31.45 -5.37
N THR C 101 -9.93 30.61 -5.84
CA THR C 101 -10.19 29.90 -7.03
C THR C 101 -11.15 28.77 -6.75
N LYS C 102 -12.20 28.69 -7.60
CA LYS C 102 -13.21 27.66 -7.46
C LYS C 102 -12.73 26.32 -7.94
N PHE C 103 -13.28 25.22 -7.39
CA PHE C 103 -12.93 23.88 -7.97
C PHE C 103 -13.68 23.53 -9.21
N ALA C 104 -13.04 22.84 -10.12
CA ALA C 104 -13.66 22.23 -11.31
C ALA C 104 -14.48 21.06 -10.84
N ASP C 105 -15.54 20.74 -11.62
CA ASP C 105 -16.30 19.52 -11.36
C ASP C 105 -15.49 18.41 -12.03
N GLY C 106 -14.27 18.17 -11.54
CA GLY C 106 -13.34 17.26 -12.17
C GLY C 106 -12.94 17.69 -13.57
N ALA C 107 -12.28 16.80 -14.29
CA ALA C 107 -11.93 17.07 -15.65
C ALA C 107 -11.75 15.76 -16.36
N LYS C 108 -11.53 15.84 -17.67
CA LYS C 108 -11.45 14.65 -18.51
C LYS C 108 -10.24 14.68 -19.37
N VAL C 109 -9.72 13.49 -19.65
CA VAL C 109 -8.66 13.42 -20.67
C VAL C 109 -9.08 14.19 -21.96
N LYS C 110 -8.13 14.92 -22.54
CA LYS C 110 -8.28 15.79 -23.74
C LYS C 110 -8.77 17.22 -23.41
N ASP C 111 -9.17 17.48 -22.15
CA ASP C 111 -9.52 18.83 -21.74
C ASP C 111 -8.31 19.75 -21.89
N ARG C 112 -8.57 20.98 -22.40
CA ARG C 112 -7.55 22.06 -22.44
C ARG C 112 -7.38 22.71 -21.08
N ILE C 113 -6.11 22.87 -20.67
CA ILE C 113 -5.81 23.45 -19.35
C ILE C 113 -4.70 24.49 -19.48
N SER C 114 -4.53 25.24 -18.41
CA SER C 114 -3.38 26.09 -18.28
C SER C 114 -2.73 25.85 -16.92
N VAL C 115 -1.43 26.07 -16.85
CA VAL C 115 -0.72 25.96 -15.57
C VAL C 115 -0.21 27.36 -15.36
N ILE C 116 -0.43 27.94 -14.19
CA ILE C 116 0.06 29.28 -13.96
C ILE C 116 1.03 29.21 -12.77
N GLY C 117 2.15 29.90 -12.85
CA GLY C 117 3.03 29.83 -11.67
C GLY C 117 4.22 30.75 -11.85
N TYR C 118 5.29 30.36 -11.13
CA TYR C 118 6.52 31.14 -11.05
C TYR C 118 7.75 30.35 -11.48
N PRO C 119 7.76 29.90 -12.77
CA PRO C 119 8.95 29.17 -13.20
C PRO C 119 10.21 30.04 -13.11
N LYS C 120 11.27 29.47 -12.52
CA LYS C 120 12.54 30.19 -12.35
C LYS C 120 12.30 31.53 -11.57
N GLY C 121 11.47 31.43 -10.56
CA GLY C 121 11.03 32.66 -9.87
C GLY C 121 12.20 33.54 -9.39
N ALA C 122 13.17 32.95 -8.77
CA ALA C 122 14.21 33.82 -8.18
C ALA C 122 14.89 34.56 -9.34
N GLN C 123 15.10 33.85 -10.45
CA GLN C 123 15.84 34.46 -11.60
C GLN C 123 15.07 35.59 -12.27
N THR C 124 13.75 35.43 -12.36
CA THR C 124 12.94 36.46 -13.00
C THR C 124 12.44 37.54 -12.05
N LYS C 125 12.85 37.49 -10.78
CA LYS C 125 12.15 38.31 -9.76
C LYS C 125 10.64 38.04 -9.66
N TYR C 126 10.31 36.73 -9.78
CA TYR C 126 8.94 36.25 -9.51
C TYR C 126 7.91 36.74 -10.54
N LYS C 127 8.28 36.78 -11.84
CA LYS C 127 7.37 36.98 -12.95
C LYS C 127 6.45 35.76 -13.01
N MET C 128 5.18 36.06 -13.25
CA MET C 128 4.20 34.98 -13.40
C MET C 128 4.03 34.57 -14.85
N PHE C 129 3.89 33.28 -15.14
CA PHE C 129 3.73 32.82 -16.51
C PHE C 129 2.60 31.82 -16.58
N GLU C 130 1.87 31.86 -17.68
CA GLU C 130 0.76 30.94 -17.92
C GLU C 130 1.15 30.04 -19.09
N SER C 131 0.93 28.72 -18.97
CA SER C 131 1.38 27.81 -20.00
C SER C 131 0.23 26.88 -20.34
N THR C 132 -0.05 26.67 -21.64
CA THR C 132 -1.27 25.94 -21.96
C THR C 132 -0.90 24.52 -22.42
N GLY C 133 -1.86 23.61 -22.25
CA GLY C 133 -1.64 22.21 -22.65
C GLY C 133 -2.94 21.45 -22.54
N THR C 134 -2.75 20.16 -22.53
CA THR C 134 -3.89 19.22 -22.51
C THR C 134 -3.69 18.18 -21.45
N ILE C 135 -4.77 17.77 -20.81
CA ILE C 135 -4.72 16.58 -19.91
C ILE C 135 -4.63 15.29 -20.75
N ASN C 136 -3.61 14.49 -20.47
CA ASN C 136 -3.39 13.25 -21.24
C ASN C 136 -3.71 11.99 -20.49
N HIS C 137 -3.83 12.02 -19.17
CA HIS C 137 -4.04 10.80 -18.37
C HIS C 137 -4.64 11.21 -17.05
N ILE C 138 -5.65 10.50 -16.57
CA ILE C 138 -6.14 10.69 -15.18
C ILE C 138 -6.35 9.31 -14.63
N SER C 139 -5.85 9.04 -13.42
CA SER C 139 -6.10 7.77 -12.69
C SER C 139 -6.12 8.06 -11.24
N GLY C 140 -7.29 8.05 -10.62
CA GLY C 140 -7.31 8.32 -9.16
C GLY C 140 -6.93 9.80 -8.95
N THR C 141 -5.97 9.98 -8.09
CA THR C 141 -5.45 11.38 -7.75
C THR C 141 -4.22 11.67 -8.60
N PHE C 142 -3.91 10.84 -9.61
CA PHE C 142 -2.80 11.12 -10.55
C PHE C 142 -3.30 11.71 -11.88
N MET C 143 -2.63 12.73 -12.39
CA MET C 143 -2.88 13.20 -13.72
C MET C 143 -1.57 13.55 -14.42
N GLU C 144 -1.62 13.43 -15.75
CA GLU C 144 -0.46 13.77 -16.60
C GLU C 144 -0.96 14.80 -17.56
N PHE C 145 -0.18 15.86 -17.80
CA PHE C 145 -0.60 16.85 -18.82
C PHE C 145 0.64 17.45 -19.47
N ASP C 146 0.47 18.17 -20.60
CA ASP C 146 1.66 18.46 -21.42
C ASP C 146 1.96 19.93 -21.61
N ALA C 147 1.41 20.77 -20.78
CA ALA C 147 1.80 22.19 -20.77
C ALA C 147 3.24 22.32 -20.28
N TYR C 148 4.03 23.20 -20.93
CA TYR C 148 5.46 23.33 -20.57
C TYR C 148 5.60 23.80 -19.13
N ALA C 149 6.55 23.25 -18.43
CA ALA C 149 6.83 23.59 -17.04
C ALA C 149 8.34 23.56 -16.72
N GLN C 150 8.76 24.28 -15.71
CA GLN C 150 10.15 24.37 -15.34
C GLN C 150 10.25 24.32 -13.83
N PRO C 151 11.46 24.17 -13.27
CA PRO C 151 11.59 24.36 -11.80
C PRO C 151 10.93 25.68 -11.39
N GLY C 152 10.32 25.69 -10.19
CA GLY C 152 9.51 26.83 -9.80
C GLY C 152 8.04 26.57 -10.01
N ASN C 153 7.69 25.61 -10.89
CA ASN C 153 6.29 25.35 -11.14
C ASN C 153 5.75 24.29 -10.19
N SER C 154 6.52 23.68 -9.29
CA SER C 154 5.81 22.72 -8.41
C SER C 154 4.84 23.44 -7.48
N GLY C 155 3.64 22.87 -7.39
CA GLY C 155 2.55 23.49 -6.60
C GLY C 155 1.66 24.35 -7.52
N SER C 156 2.00 24.52 -8.76
CA SER C 156 1.18 25.43 -9.68
C SER C 156 -0.21 24.87 -9.88
N PRO C 157 -1.23 25.77 -9.85
CA PRO C 157 -2.61 25.31 -10.24
C PRO C 157 -2.67 24.92 -11.68
N VAL C 158 -3.51 23.89 -11.94
CA VAL C 158 -3.86 23.45 -13.30
C VAL C 158 -5.35 23.78 -13.42
N LEU C 159 -5.61 24.75 -14.27
CA LEU C 159 -7.02 25.31 -14.42
C LEU C 159 -7.66 24.93 -15.73
N ASN C 160 -9.00 24.80 -15.70
CA ASN C 160 -9.64 24.59 -17.01
C ASN C 160 -9.90 25.99 -17.65
N SER C 161 -10.63 25.99 -18.78
CA SER C 161 -10.89 27.25 -19.52
C SER C 161 -11.79 28.23 -18.74
N LYS C 162 -12.56 27.75 -17.74
CA LYS C 162 -13.30 28.66 -16.83
C LYS C 162 -12.52 29.05 -15.60
N HIS C 163 -11.23 28.73 -15.61
CA HIS C 163 -10.32 29.09 -14.49
C HIS C 163 -10.63 28.38 -13.24
N GLU C 164 -11.18 27.16 -13.38
CA GLU C 164 -11.60 26.37 -12.23
C GLU C 164 -10.42 25.41 -11.95
N LEU C 165 -10.19 25.14 -10.68
CA LEU C 165 -9.00 24.34 -10.21
C LEU C 165 -9.25 22.83 -10.38
N ILE C 166 -8.42 22.15 -11.18
CA ILE C 166 -8.46 20.68 -11.38
C ILE C 166 -7.50 19.97 -10.41
N GLY C 167 -6.35 20.62 -10.15
CA GLY C 167 -5.30 19.97 -9.31
C GLY C 167 -4.08 20.88 -9.35
N ILE C 168 -2.95 20.31 -8.89
CA ILE C 168 -1.69 21.07 -8.80
C ILE C 168 -0.58 20.24 -9.39
N LEU C 169 0.36 20.92 -10.05
CA LEU C 169 1.54 20.26 -10.62
C LEU C 169 2.39 19.76 -9.45
N TYR C 170 2.94 18.54 -9.61
CA TYR C 170 3.94 18.16 -8.57
C TYR C 170 5.30 17.76 -9.18
N ALA C 171 5.35 17.31 -10.41
CA ALA C 171 6.65 16.90 -10.99
C ALA C 171 6.73 17.06 -12.47
N GLY C 172 7.99 17.23 -12.97
CA GLY C 172 8.15 17.19 -14.44
C GLY C 172 8.98 15.94 -14.77
N SER C 173 9.29 15.78 -16.06
CA SER C 173 10.09 14.60 -16.49
C SER C 173 11.36 15.04 -17.23
N GLY C 174 11.81 16.23 -16.94
CA GLY C 174 13.10 16.72 -17.52
C GLY C 174 13.69 17.65 -16.48
N LYS C 175 15.02 17.81 -16.47
CA LYS C 175 15.71 18.52 -15.33
C LYS C 175 15.39 20.03 -15.33
N ASP C 176 15.35 20.61 -16.53
CA ASP C 176 15.31 22.08 -16.61
C ASP C 176 14.00 22.53 -17.21
N GLU C 177 13.38 21.63 -17.96
CA GLU C 177 12.12 21.91 -18.62
C GLU C 177 11.45 20.60 -19.02
N SER C 178 10.14 20.68 -19.16
CA SER C 178 9.42 19.45 -19.32
C SER C 178 8.05 19.75 -19.98
N GLU C 179 7.68 18.93 -21.01
CA GLU C 179 6.31 18.96 -21.55
C GLU C 179 5.56 17.65 -21.28
N LYS C 180 6.01 16.90 -20.28
CA LYS C 180 5.25 15.77 -19.82
C LYS C 180 5.28 15.84 -18.28
N ASN C 181 4.22 16.40 -17.70
CA ASN C 181 4.21 16.73 -16.29
C ASN C 181 3.15 16.03 -15.49
N PHE C 182 3.37 15.89 -14.18
CA PHE C 182 2.47 15.09 -13.35
C PHE C 182 1.89 15.98 -12.32
N GLY C 183 0.62 15.72 -12.03
CA GLY C 183 -0.11 16.53 -11.06
C GLY C 183 -0.89 15.70 -10.05
N VAL C 184 -1.32 16.37 -8.98
CA VAL C 184 -2.28 15.82 -8.05
C VAL C 184 -3.65 16.20 -8.59
N TYR C 185 -4.44 15.20 -9.02
CA TYR C 185 -5.80 15.48 -9.51
C TYR C 185 -6.74 15.50 -8.31
N PHE C 186 -7.59 16.55 -8.10
CA PHE C 186 -8.36 16.62 -6.88
C PHE C 186 -9.68 15.82 -7.06
N THR C 187 -9.66 14.68 -6.46
CA THR C 187 -10.86 13.83 -6.36
C THR C 187 -11.75 14.44 -5.28
N PRO C 188 -12.97 13.93 -5.16
CA PRO C 188 -13.83 14.36 -4.02
C PRO C 188 -13.19 14.23 -2.65
N GLN C 189 -12.46 13.16 -2.42
CA GLN C 189 -11.84 12.93 -1.14
CA GLN C 189 -11.84 12.95 -1.14
C GLN C 189 -10.79 14.05 -0.84
N LEU C 190 -9.94 14.36 -1.83
CA LEU C 190 -8.96 15.46 -1.66
C LEU C 190 -9.70 16.78 -1.46
N LYS C 191 -10.80 17.02 -2.21
CA LYS C 191 -11.52 18.29 -2.05
C LYS C 191 -12.13 18.40 -0.70
N GLU C 192 -12.65 17.28 -0.19
CA GLU C 192 -13.21 17.35 1.16
C GLU C 192 -12.15 17.72 2.23
N PHE C 193 -10.94 17.16 2.06
CA PHE C 193 -9.89 17.50 2.95
C PHE C 193 -9.51 18.97 2.84
N ILE C 194 -9.42 19.48 1.62
CA ILE C 194 -9.05 20.93 1.43
C ILE C 194 -10.15 21.80 2.06
N GLN C 195 -11.42 21.48 1.76
CA GLN C 195 -12.51 22.27 2.36
C GLN C 195 -12.55 22.30 3.88
N ASN C 196 -12.32 21.15 4.46
CA ASN C 196 -12.28 20.98 5.91
C ASN C 196 -11.16 21.80 6.52
N ASN C 197 -10.14 22.14 5.71
CA ASN C 197 -9.04 22.91 6.24
C ASN C 197 -9.02 24.34 5.77
N ILE C 198 -10.11 24.84 5.16
CA ILE C 198 -10.17 26.24 4.82
C ILE C 198 -10.56 27.04 6.07
N GLU C 199 -9.79 28.08 6.38
CA GLU C 199 -10.09 28.90 7.57
C GLU C 199 -11.49 29.47 7.53
N LYS C 200 -12.22 29.32 8.64
CA LYS C 200 -13.66 29.72 8.72
C LYS C 200 -13.75 31.20 8.99
N GLU D 1 -28.94 -9.14 8.66
CA GLU D 1 -30.19 -9.83 8.17
C GLU D 1 -30.06 -11.31 8.54
N LYS D 2 -31.17 -11.98 8.85
CA LYS D 2 -31.10 -13.42 9.15
C LYS D 2 -32.23 -14.13 8.43
N ASN D 3 -31.90 -14.52 7.19
CA ASN D 3 -32.83 -15.14 6.31
C ASN D 3 -32.13 -16.28 5.60
N VAL D 4 -32.18 -17.46 6.23
CA VAL D 4 -31.31 -18.57 5.76
C VAL D 4 -32.22 -19.70 5.35
N LYS D 5 -31.94 -20.21 4.19
CA LYS D 5 -32.76 -21.29 3.57
C LYS D 5 -31.84 -22.47 3.32
N GLU D 6 -32.29 -23.69 3.61
CA GLU D 6 -31.51 -24.88 3.14
C GLU D 6 -31.85 -25.22 1.68
N ILE D 7 -30.77 -25.50 0.91
CA ILE D 7 -30.89 -25.87 -0.49
C ILE D 7 -30.82 -27.40 -0.43
N THR D 8 -31.95 -28.06 -0.43
CA THR D 8 -31.98 -29.53 -0.20
C THR D 8 -31.49 -30.26 -1.45
N ASP D 9 -31.54 -29.62 -2.60
CA ASP D 9 -31.11 -30.25 -3.85
C ASP D 9 -30.26 -29.28 -4.66
N ALA D 10 -28.94 -29.53 -4.68
CA ALA D 10 -28.00 -28.57 -5.31
C ALA D 10 -27.61 -28.99 -6.70
N THR D 11 -28.45 -29.79 -7.37
CA THR D 11 -28.05 -30.24 -8.74
C THR D 11 -28.17 -29.16 -9.84
N LYS D 12 -28.92 -28.07 -9.69
CA LYS D 12 -29.07 -27.08 -10.71
C LYS D 12 -28.21 -25.86 -10.44
N GLU D 13 -28.00 -25.02 -11.45
CA GLU D 13 -27.26 -23.74 -11.19
C GLU D 13 -28.06 -22.79 -10.28
N PRO D 14 -27.39 -21.97 -9.46
CA PRO D 14 -25.98 -21.80 -9.32
C PRO D 14 -25.45 -22.75 -8.28
N TYR D 15 -26.33 -23.59 -7.65
CA TYR D 15 -25.91 -24.39 -6.51
C TYR D 15 -24.92 -25.48 -6.90
N ASN D 16 -24.95 -25.87 -8.17
CA ASN D 16 -24.05 -26.93 -8.55
C ASN D 16 -22.65 -26.36 -8.82
N SER D 17 -22.44 -25.08 -8.58
CA SER D 17 -21.10 -24.54 -8.59
CA SER D 17 -21.07 -24.53 -8.56
C SER D 17 -20.47 -24.40 -7.19
N VAL D 18 -21.20 -24.72 -6.14
CA VAL D 18 -20.70 -24.52 -4.76
C VAL D 18 -20.04 -25.84 -4.38
N VAL D 19 -18.89 -25.77 -3.79
CA VAL D 19 -18.20 -27.00 -3.37
CA VAL D 19 -18.04 -26.91 -3.38
C VAL D 19 -17.86 -26.90 -1.88
N ALA D 20 -17.87 -28.07 -1.20
CA ALA D 20 -17.53 -28.22 0.21
C ALA D 20 -16.07 -28.64 0.36
N PHE D 21 -15.36 -27.96 1.21
CA PHE D 21 -14.05 -28.39 1.69
C PHE D 21 -14.17 -28.69 3.18
N VAL D 22 -13.22 -29.47 3.74
CA VAL D 22 -13.23 -29.57 5.21
C VAL D 22 -13.11 -28.11 5.78
N GLY D 23 -14.02 -27.81 6.68
CA GLY D 23 -14.14 -26.54 7.33
C GLY D 23 -14.62 -25.38 6.47
N GLY D 24 -15.02 -25.57 5.18
CA GLY D 24 -15.48 -24.31 4.51
C GLY D 24 -15.96 -24.60 3.13
N THR D 25 -15.96 -23.55 2.26
CA THR D 25 -16.70 -23.57 1.01
C THR D 25 -15.83 -22.99 -0.11
N GLY D 26 -16.14 -23.38 -1.34
CA GLY D 26 -15.51 -22.75 -2.49
C GLY D 26 -16.54 -22.58 -3.60
N VAL D 27 -16.16 -21.94 -4.72
CA VAL D 27 -17.08 -21.83 -5.86
C VAL D 27 -16.32 -22.15 -7.17
N VAL D 28 -16.98 -22.91 -8.05
CA VAL D 28 -16.37 -23.23 -9.39
C VAL D 28 -16.48 -22.06 -10.32
N VAL D 29 -15.36 -21.68 -10.93
CA VAL D 29 -15.36 -20.61 -11.93
C VAL D 29 -14.97 -21.08 -13.34
N GLY D 30 -14.53 -22.30 -13.46
CA GLY D 30 -14.12 -22.78 -14.78
C GLY D 30 -13.59 -24.18 -14.70
N LYS D 31 -13.11 -24.66 -15.86
CA LYS D 31 -12.65 -26.02 -15.95
C LYS D 31 -11.68 -26.38 -14.86
N ASN D 32 -12.08 -27.37 -14.03
CA ASN D 32 -11.27 -27.89 -12.91
C ASN D 32 -10.81 -26.79 -11.89
N THR D 33 -11.51 -25.65 -11.88
CA THR D 33 -10.91 -24.50 -11.14
C THR D 33 -11.93 -23.92 -10.14
N ILE D 34 -11.50 -23.88 -8.89
CA ILE D 34 -12.34 -23.41 -7.78
C ILE D 34 -11.69 -22.21 -7.13
N VAL D 35 -12.50 -21.26 -6.62
CA VAL D 35 -12.00 -20.15 -5.81
C VAL D 35 -12.44 -20.34 -4.40
N THR D 36 -11.50 -20.08 -3.46
CA THR D 36 -11.87 -20.20 -2.00
C THR D 36 -10.91 -19.26 -1.26
N ASN D 37 -10.87 -19.24 0.08
CA ASN D 37 -9.85 -18.37 0.67
CA ASN D 37 -9.89 -18.42 0.81
C ASN D 37 -8.54 -19.13 0.91
N LYS D 38 -7.51 -18.42 1.43
CA LYS D 38 -6.19 -19.10 1.51
C LYS D 38 -6.18 -20.20 2.56
N HIS D 39 -6.81 -19.94 3.71
CA HIS D 39 -6.61 -20.96 4.80
C HIS D 39 -7.36 -22.24 4.42
N ILE D 40 -8.54 -22.10 3.81
CA ILE D 40 -9.30 -23.30 3.48
C ILE D 40 -8.50 -24.14 2.45
N ALA D 41 -7.83 -23.49 1.51
CA ALA D 41 -7.08 -24.22 0.47
C ALA D 41 -5.82 -24.82 1.13
N LYS D 42 -5.18 -24.04 1.96
CA LYS D 42 -3.88 -24.47 2.50
C LYS D 42 -4.02 -25.54 3.57
N SER D 43 -5.06 -25.44 4.37
CA SER D 43 -5.27 -26.43 5.44
CA SER D 43 -5.26 -26.41 5.45
C SER D 43 -5.59 -27.77 4.81
N ASN D 44 -6.29 -27.72 3.66
CA ASN D 44 -6.63 -28.94 2.91
C ASN D 44 -5.44 -29.48 2.11
N ASP D 45 -4.31 -28.76 2.16
CA ASP D 45 -3.04 -29.20 1.52
C ASP D 45 -2.17 -29.86 2.57
N ILE D 46 -2.42 -29.67 3.85
CA ILE D 46 -1.60 -30.28 4.91
C ILE D 46 -2.24 -31.61 5.25
N PHE D 47 -3.53 -31.56 5.52
CA PHE D 47 -4.36 -32.78 5.73
C PHE D 47 -5.15 -32.88 4.46
N LYS D 48 -4.68 -33.75 3.57
CA LYS D 48 -5.13 -33.69 2.20
C LYS D 48 -6.44 -34.44 2.07
N ASN D 49 -7.51 -33.69 1.98
CA ASN D 49 -8.74 -34.37 1.66
CA ASN D 49 -8.87 -34.21 1.89
C ASN D 49 -9.37 -33.88 0.40
N ARG D 50 -10.40 -34.56 -0.03
CA ARG D 50 -11.03 -34.29 -1.28
C ARG D 50 -12.01 -33.15 -1.14
N VAL D 51 -12.38 -32.57 -2.26
CA VAL D 51 -13.46 -31.57 -2.23
C VAL D 51 -14.73 -32.20 -2.79
N SER D 52 -15.86 -31.78 -2.21
CA SER D 52 -17.12 -32.46 -2.55
C SER D 52 -17.94 -31.52 -3.47
N ALA D 53 -18.34 -31.91 -4.69
CA ALA D 53 -19.11 -31.04 -5.60
C ALA D 53 -20.56 -30.96 -5.10
N HIS D 54 -20.95 -29.76 -4.61
CA HIS D 54 -22.31 -29.38 -4.31
C HIS D 54 -23.04 -30.45 -3.46
N HIS D 55 -22.39 -30.90 -2.39
CA HIS D 55 -23.14 -31.79 -1.49
C HIS D 55 -24.45 -31.08 -1.03
N SER D 56 -25.52 -31.85 -0.92
CA SER D 56 -26.75 -31.32 -0.31
C SER D 56 -27.45 -32.55 0.31
N SER D 57 -28.46 -32.25 1.12
CA SER D 57 -29.08 -33.32 1.94
C SER D 57 -29.84 -34.32 1.05
N LYS D 58 -30.44 -33.88 -0.06
CA LYS D 58 -31.23 -34.74 -1.00
C LYS D 58 -30.65 -34.91 -2.36
N GLY D 59 -29.83 -33.97 -2.82
CA GLY D 59 -29.54 -33.98 -4.23
C GLY D 59 -28.53 -35.08 -4.54
N LYS D 60 -28.72 -35.74 -5.71
CA LYS D 60 -27.82 -36.74 -6.34
C LYS D 60 -26.36 -36.25 -6.34
N GLY D 61 -25.50 -37.26 -6.11
N GLY D 61 -25.41 -37.02 -5.80
CA GLY D 61 -24.09 -37.10 -5.86
CA GLY D 61 -24.21 -36.42 -5.15
C GLY D 61 -23.35 -36.46 -7.00
C GLY D 61 -23.40 -35.16 -5.54
N GLY D 62 -22.69 -35.34 -6.67
CA GLY D 62 -21.73 -34.54 -7.57
C GLY D 62 -20.28 -35.19 -7.77
N GLY D 63 -19.91 -36.00 -6.78
CA GLY D 63 -18.57 -36.61 -6.81
C GLY D 63 -17.66 -35.88 -5.83
N ASN D 64 -16.63 -36.61 -5.39
CA ASN D 64 -15.55 -35.98 -4.61
C ASN D 64 -14.31 -36.03 -5.41
N TYR D 65 -13.48 -34.98 -5.30
CA TYR D 65 -12.36 -34.81 -6.23
C TYR D 65 -11.05 -34.51 -5.51
N ASP D 66 -9.92 -35.05 -5.99
CA ASP D 66 -8.67 -34.76 -5.38
C ASP D 66 -8.16 -33.42 -5.86
N VAL D 67 -7.54 -32.68 -4.95
CA VAL D 67 -6.84 -31.41 -5.33
C VAL D 67 -5.51 -31.68 -6.05
N LYS D 68 -5.32 -31.02 -7.18
CA LYS D 68 -4.11 -31.19 -8.01
C LYS D 68 -3.08 -30.15 -7.62
N ASP D 69 -3.50 -28.92 -7.35
CA ASP D 69 -2.58 -27.81 -7.04
C ASP D 69 -3.38 -26.63 -6.48
N ILE D 70 -2.66 -25.77 -5.77
CA ILE D 70 -3.26 -24.52 -5.32
C ILE D 70 -2.41 -23.35 -5.80
N VAL D 71 -3.04 -22.23 -6.11
CA VAL D 71 -2.34 -20.94 -6.47
C VAL D 71 -2.91 -19.87 -5.58
N GLU D 72 -2.07 -19.44 -4.63
CA GLU D 72 -2.53 -18.41 -3.67
C GLU D 72 -2.36 -17.08 -4.36
N TYR D 73 -3.27 -16.14 -4.18
CA TYR D 73 -3.05 -14.80 -4.76
C TYR D 73 -1.83 -14.14 -4.14
N PRO D 74 -0.91 -13.68 -4.97
CA PRO D 74 0.41 -13.25 -4.44
C PRO D 74 0.25 -11.78 -4.00
N GLY D 75 -0.48 -11.60 -2.92
CA GLY D 75 -0.82 -10.25 -2.41
C GLY D 75 -1.61 -10.46 -1.10
N LYS D 76 -2.14 -9.37 -0.55
CA LYS D 76 -2.77 -9.39 0.73
C LYS D 76 -4.14 -10.11 0.73
N GLU D 77 -4.81 -10.06 -0.41
CA GLU D 77 -6.23 -10.51 -0.41
C GLU D 77 -6.29 -11.98 0.01
N ASP D 78 -7.36 -12.31 0.71
CA ASP D 78 -7.57 -13.65 1.23
C ASP D 78 -8.21 -14.58 0.17
N LEU D 79 -7.45 -14.85 -0.92
CA LEU D 79 -7.99 -15.54 -2.08
C LEU D 79 -7.03 -16.61 -2.56
N ALA D 80 -7.54 -17.79 -2.97
CA ALA D 80 -6.70 -18.83 -3.57
C ALA D 80 -7.50 -19.55 -4.61
N ILE D 81 -6.76 -20.09 -5.55
CA ILE D 81 -7.37 -20.87 -6.64
C ILE D 81 -6.98 -22.31 -6.32
N VAL D 82 -7.96 -23.20 -6.43
CA VAL D 82 -7.70 -24.64 -6.19
C VAL D 82 -8.05 -25.36 -7.47
N HIS D 83 -7.13 -26.18 -7.98
CA HIS D 83 -7.46 -27.00 -9.18
C HIS D 83 -7.61 -28.41 -8.81
N VAL D 84 -8.55 -29.09 -9.44
CA VAL D 84 -8.77 -30.49 -9.08
C VAL D 84 -8.36 -31.43 -10.24
N HIS D 85 -8.07 -32.67 -9.84
CA HIS D 85 -8.07 -33.76 -10.85
C HIS D 85 -9.50 -34.04 -11.27
N GLU D 86 -9.69 -34.13 -12.57
CA GLU D 86 -11.04 -34.11 -13.21
C GLU D 86 -11.86 -35.35 -12.89
N THR D 87 -11.21 -36.51 -12.73
CA THR D 87 -11.93 -37.75 -12.54
C THR D 87 -12.03 -38.21 -11.10
N SER D 88 -13.23 -38.50 -10.62
CA SER D 88 -13.50 -39.04 -9.28
C SER D 88 -13.16 -40.54 -9.17
N THR D 89 -13.24 -41.11 -7.94
CA THR D 89 -12.97 -42.53 -7.72
C THR D 89 -13.92 -43.38 -8.48
N GLU D 90 -15.13 -42.90 -8.73
CA GLU D 90 -16.07 -43.72 -9.41
C GLU D 90 -16.14 -43.39 -10.91
N GLY D 91 -15.24 -42.54 -11.41
CA GLY D 91 -15.25 -42.16 -12.81
C GLY D 91 -16.14 -41.00 -13.18
N LEU D 92 -16.63 -40.26 -12.17
CA LEU D 92 -17.44 -39.04 -12.52
C LEU D 92 -16.42 -37.96 -12.96
N ASN D 93 -16.84 -37.07 -13.84
CA ASN D 93 -15.98 -36.05 -14.31
C ASN D 93 -16.42 -34.77 -13.69
N PHE D 94 -15.47 -34.06 -13.06
CA PHE D 94 -15.86 -32.81 -12.38
C PHE D 94 -16.65 -31.83 -13.27
N ASN D 95 -16.25 -31.62 -14.53
CA ASN D 95 -16.84 -30.60 -15.41
C ASN D 95 -18.23 -30.97 -15.87
N LYS D 96 -18.55 -32.26 -15.85
CA LYS D 96 -19.91 -32.68 -16.11
C LYS D 96 -20.77 -32.60 -14.87
N ASN D 97 -20.22 -32.34 -13.68
CA ASN D 97 -21.02 -32.37 -12.45
C ASN D 97 -21.21 -30.98 -11.84
N VAL D 98 -20.58 -29.98 -12.44
CA VAL D 98 -20.67 -28.65 -11.82
C VAL D 98 -21.09 -27.63 -12.89
N SER D 99 -21.33 -26.39 -12.49
CA SER D 99 -21.39 -25.32 -13.48
C SER D 99 -20.32 -24.26 -13.15
N TYR D 100 -20.06 -23.39 -14.16
CA TYR D 100 -19.04 -22.34 -13.89
C TYR D 100 -19.75 -21.02 -13.67
N THR D 101 -19.60 -20.50 -12.45
CA THR D 101 -20.30 -19.26 -12.18
C THR D 101 -19.70 -18.03 -12.86
N LYS D 102 -20.56 -17.26 -13.53
CA LYS D 102 -20.08 -16.05 -14.29
C LYS D 102 -19.83 -14.89 -13.30
N PHE D 103 -18.87 -14.04 -13.62
CA PHE D 103 -18.59 -12.92 -12.78
C PHE D 103 -19.66 -11.80 -12.94
N ALA D 104 -19.94 -11.11 -11.83
CA ALA D 104 -20.84 -9.96 -11.81
C ALA D 104 -20.15 -8.75 -12.42
N ASP D 105 -18.85 -8.70 -12.41
CA ASP D 105 -18.21 -7.37 -12.76
C ASP D 105 -18.81 -6.27 -11.83
N GLY D 106 -18.61 -6.50 -10.55
CA GLY D 106 -18.89 -5.52 -9.57
C GLY D 106 -20.32 -5.42 -9.11
N ALA D 107 -20.49 -4.54 -8.14
CA ALA D 107 -21.78 -4.41 -7.46
C ALA D 107 -21.68 -3.07 -6.79
N LYS D 108 -22.76 -2.64 -6.22
CA LYS D 108 -22.84 -1.33 -5.54
C LYS D 108 -23.39 -1.51 -4.14
N VAL D 109 -22.98 -0.62 -3.23
CA VAL D 109 -23.58 -0.59 -1.93
C VAL D 109 -25.09 -0.40 -2.07
N LYS D 110 -25.80 -1.09 -1.16
CA LYS D 110 -27.28 -1.25 -1.09
C LYS D 110 -27.79 -2.37 -2.00
N ASP D 111 -26.92 -2.95 -2.83
CA ASP D 111 -27.40 -4.15 -3.59
C ASP D 111 -27.69 -5.33 -2.68
N ARG D 112 -28.70 -6.12 -3.10
CA ARG D 112 -29.02 -7.35 -2.32
C ARG D 112 -28.25 -8.54 -2.87
N ILE D 113 -27.74 -9.32 -1.92
CA ILE D 113 -26.80 -10.42 -2.29
C ILE D 113 -27.23 -11.71 -1.61
N SER D 114 -26.69 -12.83 -2.06
CA SER D 114 -26.80 -13.98 -1.23
C SER D 114 -25.45 -14.66 -1.07
N VAL D 115 -25.29 -15.38 0.05
CA VAL D 115 -24.02 -16.09 0.33
C VAL D 115 -24.44 -17.56 0.44
N ILE D 116 -23.73 -18.48 -0.25
CA ILE D 116 -24.22 -19.92 -0.27
C ILE D 116 -23.02 -20.72 0.21
N GLY D 117 -23.28 -21.67 1.08
CA GLY D 117 -22.16 -22.46 1.61
C GLY D 117 -22.57 -23.47 2.66
N TYR D 118 -21.57 -23.80 3.47
CA TYR D 118 -21.73 -24.84 4.46
C TYR D 118 -21.49 -24.34 5.87
N PRO D 119 -22.37 -23.40 6.33
CA PRO D 119 -22.27 -22.98 7.71
C PRO D 119 -22.59 -24.17 8.66
N LYS D 120 -21.67 -24.36 9.59
CA LYS D 120 -21.76 -25.44 10.60
C LYS D 120 -21.79 -26.80 9.91
N GLY D 121 -20.97 -26.94 8.84
CA GLY D 121 -21.09 -28.14 7.97
C GLY D 121 -20.92 -29.41 8.85
N ALA D 122 -19.87 -29.45 9.64
CA ALA D 122 -19.63 -30.72 10.42
C ALA D 122 -20.85 -31.09 11.28
N GLN D 123 -21.54 -30.09 11.81
CA GLN D 123 -22.68 -30.35 12.69
C GLN D 123 -23.96 -30.66 11.97
N THR D 124 -24.14 -30.15 10.75
CA THR D 124 -25.37 -30.38 9.97
C THR D 124 -25.30 -31.52 8.99
N LYS D 125 -24.15 -32.23 8.97
CA LYS D 125 -23.85 -33.21 7.91
C LYS D 125 -23.82 -32.57 6.53
N TYR D 126 -23.28 -31.35 6.51
CA TYR D 126 -22.93 -30.64 5.28
C TYR D 126 -24.13 -30.33 4.42
N LYS D 127 -25.19 -29.85 5.10
CA LYS D 127 -26.30 -29.24 4.34
C LYS D 127 -25.82 -27.95 3.71
N MET D 128 -26.35 -27.66 2.54
CA MET D 128 -25.99 -26.40 1.86
C MET D 128 -27.08 -25.36 2.27
N PHE D 129 -26.62 -24.12 2.60
CA PHE D 129 -27.59 -23.05 2.96
C PHE D 129 -27.32 -21.81 2.13
N GLU D 130 -28.40 -21.07 1.87
CA GLU D 130 -28.26 -19.73 1.19
C GLU D 130 -28.81 -18.71 2.13
N SER D 131 -27.98 -17.68 2.34
CA SER D 131 -28.26 -16.56 3.34
C SER D 131 -28.30 -15.22 2.61
N THR D 132 -29.40 -14.42 2.83
CA THR D 132 -29.50 -13.16 2.03
C THR D 132 -29.14 -11.94 2.87
N GLY D 133 -28.66 -10.90 2.20
CA GLY D 133 -28.28 -9.64 2.93
C GLY D 133 -28.03 -8.60 1.88
N THR D 134 -27.38 -7.54 2.37
CA THR D 134 -27.15 -6.38 1.52
C THR D 134 -25.72 -5.98 1.64
N ILE D 135 -25.13 -5.48 0.59
CA ILE D 135 -23.78 -4.90 0.64
C ILE D 135 -23.77 -3.52 1.27
N ASN D 136 -22.97 -3.37 2.27
CA ASN D 136 -22.92 -2.12 3.02
C ASN D 136 -21.68 -1.29 2.83
N HIS D 137 -20.62 -1.84 2.27
CA HIS D 137 -19.42 -1.06 1.99
C HIS D 137 -18.62 -1.77 0.93
N ILE D 138 -17.99 -1.02 0.06
CA ILE D 138 -17.10 -1.55 -0.96
C ILE D 138 -15.96 -0.54 -1.05
N SER D 139 -14.76 -1.05 -0.94
CA SER D 139 -13.57 -0.21 -1.11
C SER D 139 -12.45 -1.06 -1.65
N GLY D 140 -11.98 -0.80 -2.87
CA GLY D 140 -10.88 -1.61 -3.47
C GLY D 140 -11.40 -3.06 -3.56
N THR D 141 -10.60 -3.96 -3.02
CA THR D 141 -10.97 -5.41 -3.03
C THR D 141 -11.65 -5.80 -1.71
N PHE D 142 -12.08 -4.87 -0.89
CA PHE D 142 -12.81 -5.21 0.35
C PHE D 142 -14.33 -4.94 0.22
N MET D 143 -15.17 -5.85 0.73
CA MET D 143 -16.59 -5.50 0.82
C MET D 143 -17.08 -5.91 2.21
N GLU D 144 -18.13 -5.23 2.69
CA GLU D 144 -18.79 -5.64 3.91
C GLU D 144 -20.25 -5.87 3.59
N PHE D 145 -20.85 -6.90 4.15
CA PHE D 145 -22.24 -7.21 3.86
C PHE D 145 -22.90 -7.86 5.09
N ASP D 146 -24.24 -7.90 5.12
CA ASP D 146 -24.93 -8.26 6.35
C ASP D 146 -25.74 -9.55 6.39
N ALA D 147 -25.50 -10.38 5.45
CA ALA D 147 -26.13 -11.70 5.41
C ALA D 147 -25.60 -12.56 6.54
N TYR D 148 -26.48 -13.25 7.27
CA TYR D 148 -25.98 -14.07 8.38
C TYR D 148 -24.95 -15.15 7.94
N ALA D 149 -23.92 -15.34 8.72
CA ALA D 149 -22.88 -16.31 8.36
C ALA D 149 -22.39 -16.94 9.65
N GLN D 150 -21.71 -18.08 9.53
CA GLN D 150 -21.23 -18.87 10.65
C GLN D 150 -19.97 -19.56 10.17
N PRO D 151 -19.20 -20.15 11.10
CA PRO D 151 -18.07 -21.00 10.78
C PRO D 151 -18.55 -22.03 9.77
N GLY D 152 -17.74 -22.21 8.69
CA GLY D 152 -18.10 -23.03 7.59
C GLY D 152 -18.35 -22.19 6.33
N ASN D 153 -18.63 -20.90 6.53
CA ASN D 153 -18.93 -20.04 5.34
C ASN D 153 -17.65 -19.38 4.81
N SER D 154 -16.44 -19.58 5.37
CA SER D 154 -15.27 -18.94 4.67
C SER D 154 -15.08 -19.57 3.33
N GLY D 155 -14.86 -18.72 2.33
CA GLY D 155 -14.78 -19.26 0.93
C GLY D 155 -16.13 -19.24 0.16
N SER D 156 -17.23 -18.97 0.88
CA SER D 156 -18.57 -18.95 0.26
C SER D 156 -18.69 -17.88 -0.82
N PRO D 157 -19.24 -18.25 -1.99
CA PRO D 157 -19.51 -17.23 -3.04
C PRO D 157 -20.59 -16.27 -2.52
N VAL D 158 -20.36 -14.99 -2.87
CA VAL D 158 -21.36 -13.94 -2.63
C VAL D 158 -21.89 -13.59 -4.02
N LEU D 159 -23.19 -13.80 -4.23
CA LEU D 159 -23.81 -13.68 -5.58
C LEU D 159 -24.79 -12.51 -5.60
N ASN D 160 -24.87 -11.87 -6.78
CA ASN D 160 -25.92 -10.83 -6.99
C ASN D 160 -27.26 -11.44 -7.29
N SER D 161 -28.23 -10.57 -7.55
CA SER D 161 -29.56 -11.07 -7.82
C SER D 161 -29.72 -11.91 -9.10
N LYS D 162 -28.79 -11.81 -10.04
CA LYS D 162 -28.67 -12.66 -11.23
C LYS D 162 -27.82 -13.87 -11.04
N HIS D 163 -27.48 -14.18 -9.81
CA HIS D 163 -26.58 -15.29 -9.48
C HIS D 163 -25.22 -15.23 -10.07
N GLU D 164 -24.75 -14.01 -10.35
CA GLU D 164 -23.35 -13.84 -10.79
C GLU D 164 -22.42 -13.53 -9.59
N LEU D 165 -21.16 -13.91 -9.73
CA LEU D 165 -20.22 -13.90 -8.60
C LEU D 165 -19.60 -12.50 -8.32
N ILE D 166 -19.87 -11.95 -7.15
CA ILE D 166 -19.24 -10.65 -6.76
C ILE D 166 -17.93 -10.89 -6.06
N GLY D 167 -17.80 -11.96 -5.22
CA GLY D 167 -16.56 -12.11 -4.42
C GLY D 167 -16.84 -13.28 -3.46
N ILE D 168 -15.97 -13.45 -2.49
CA ILE D 168 -16.17 -14.53 -1.54
C ILE D 168 -16.13 -14.01 -0.12
N LEU D 169 -16.83 -14.68 0.79
CA LEU D 169 -16.71 -14.32 2.21
C LEU D 169 -15.37 -14.82 2.75
N TYR D 170 -14.69 -13.98 3.54
CA TYR D 170 -13.42 -14.38 4.24
C TYR D 170 -13.51 -14.33 5.75
N ALA D 171 -14.35 -13.46 6.29
CA ALA D 171 -14.45 -13.40 7.80
C ALA D 171 -15.72 -12.85 8.28
N GLY D 172 -16.07 -13.18 9.53
CA GLY D 172 -17.15 -12.52 10.28
C GLY D 172 -16.60 -11.69 11.41
N SER D 173 -17.49 -11.04 12.11
CA SER D 173 -17.01 -10.14 13.21
C SER D 173 -17.47 -10.69 14.58
N GLY D 174 -17.91 -11.94 14.60
CA GLY D 174 -18.22 -12.67 15.90
C GLY D 174 -17.67 -14.09 15.80
N LYS D 175 -17.42 -14.76 16.95
CA LYS D 175 -16.84 -16.11 16.91
C LYS D 175 -17.79 -17.18 16.36
N ASP D 176 -19.06 -17.08 16.71
CA ASP D 176 -19.94 -18.19 16.37
C ASP D 176 -20.96 -17.89 15.26
N GLU D 177 -21.20 -16.59 15.06
CA GLU D 177 -22.22 -16.13 14.07
C GLU D 177 -21.98 -14.66 13.85
N SER D 178 -22.43 -14.14 12.70
CA SER D 178 -22.19 -12.73 12.46
C SER D 178 -23.16 -12.25 11.39
N GLU D 179 -23.65 -11.01 11.51
CA GLU D 179 -24.36 -10.29 10.42
C GLU D 179 -23.54 -9.07 9.98
N LYS D 180 -22.23 -9.04 10.27
CA LYS D 180 -21.36 -8.00 9.74
C LYS D 180 -20.17 -8.77 9.28
N ASN D 181 -20.13 -9.05 7.96
CA ASN D 181 -19.14 -9.99 7.44
C ASN D 181 -18.31 -9.31 6.37
N PHE D 182 -17.17 -9.92 6.10
CA PHE D 182 -16.24 -9.26 5.21
C PHE D 182 -15.91 -10.17 4.08
N GLY D 183 -15.76 -9.56 2.89
CA GLY D 183 -15.48 -10.40 1.69
C GLY D 183 -14.36 -9.84 0.85
N VAL D 184 -13.84 -10.70 0.00
CA VAL D 184 -12.90 -10.26 -1.06
C VAL D 184 -13.79 -9.87 -2.21
N TYR D 185 -13.80 -8.54 -2.60
CA TYR D 185 -14.64 -8.03 -3.71
C TYR D 185 -13.85 -8.10 -4.97
N PHE D 186 -14.38 -8.80 -5.96
CA PHE D 186 -13.60 -9.02 -7.19
C PHE D 186 -13.58 -7.79 -8.15
N THR D 187 -12.52 -7.02 -7.98
CA THR D 187 -12.26 -5.94 -8.94
C THR D 187 -11.82 -6.53 -10.30
N PRO D 188 -11.66 -5.67 -11.31
CA PRO D 188 -11.16 -6.21 -12.58
C PRO D 188 -9.77 -6.87 -12.42
N GLN D 189 -8.88 -6.33 -11.56
CA GLN D 189 -7.57 -6.96 -11.35
CA GLN D 189 -7.57 -6.91 -11.25
C GLN D 189 -7.73 -8.38 -10.80
N LEU D 190 -8.62 -8.56 -9.81
CA LEU D 190 -8.80 -9.93 -9.28
C LEU D 190 -9.55 -10.87 -10.23
N LYS D 191 -10.52 -10.37 -11.03
CA LYS D 191 -11.12 -11.19 -12.11
C LYS D 191 -10.03 -11.74 -13.07
N GLU D 192 -9.12 -10.80 -13.43
CA GLU D 192 -8.06 -11.19 -14.40
C GLU D 192 -7.14 -12.26 -13.76
N PHE D 193 -6.80 -12.13 -12.45
CA PHE D 193 -5.97 -13.14 -11.76
C PHE D 193 -6.70 -14.51 -11.81
N ILE D 194 -7.97 -14.46 -11.42
CA ILE D 194 -8.79 -15.71 -11.48
C ILE D 194 -8.85 -16.30 -12.91
N GLN D 195 -9.19 -15.46 -13.88
CA GLN D 195 -9.36 -15.98 -15.26
C GLN D 195 -8.03 -16.45 -15.84
N ASN D 196 -6.91 -15.79 -15.51
CA ASN D 196 -5.59 -16.26 -15.97
CA ASN D 196 -5.59 -16.25 -15.97
C ASN D 196 -5.24 -17.63 -15.41
N ASN D 197 -5.91 -18.00 -14.31
CA ASN D 197 -5.61 -19.27 -13.62
C ASN D 197 -6.71 -20.33 -13.84
N ILE D 198 -7.63 -20.10 -14.76
CA ILE D 198 -8.57 -21.20 -15.09
C ILE D 198 -7.92 -22.12 -16.12
N GLU D 199 -7.98 -23.43 -15.92
CA GLU D 199 -7.41 -24.40 -16.89
C GLU D 199 -8.13 -24.28 -18.28
N LYS D 200 -7.32 -24.28 -19.35
CA LYS D 200 -7.79 -24.34 -20.74
C LYS D 200 -8.02 -25.76 -21.21
C4 I1S E . 4.39 0.68 -8.93
C5 I1S E . 3.08 0.75 -8.50
C6 I1S E . 5.48 0.76 -8.06
C7 I1S E . 5.26 0.98 -6.71
O8 I1S E . 4.34 5.07 -4.66
C9 I1S E . 5.35 4.32 -5.37
N10 I1S E . 5.91 3.29 -4.75
C11 I1S E . 6.91 2.53 -5.55
O12 I1S E . 5.59 4.72 -6.52
P13 I1S E . 8.40 2.49 -4.52
C17 I1S E . 3.66 6.14 -5.39
C18 I1S E . 2.46 5.68 -6.23
C19 I1S E . 1.59 6.65 -6.75
C20 I1S E . 0.49 6.25 -7.51
C21 I1S E . 0.24 4.90 -7.76
C22 I1S E . 2.83 0.98 -7.14
C23 I1S E . 3.95 1.05 -6.29
C24 I1S E . 6.37 1.14 -5.64
O2P I1S E . 8.29 1.53 -3.37
C30 I1S E . 1.09 3.94 -7.24
C31 I1S E . 2.19 4.35 -6.48
O3P I1S E . 8.99 3.93 -4.38
C4 I1S F . -4.96 0.67 6.96
C5 I1S F . -4.97 0.81 5.62
C6 I1S F . -4.05 -0.22 7.54
C7 I1S F . -3.19 -0.98 6.73
O8 I1S F . -4.23 -4.24 4.19
C9 I1S F . -4.14 -3.97 5.60
N10 I1S F . -2.90 -3.76 6.09
C11 I1S F . -2.79 -3.37 7.47
O12 I1S F . -5.19 -4.01 6.23
P13 I1S F . -1.55 -4.41 8.19
C17 I1S F . -5.25 -3.60 3.38
C18 I1S F . -4.94 -4.05 1.97
C19 I1S F . -5.97 -4.51 1.15
C20 I1S F . -5.64 -4.94 -0.14
C21 I1S F . -4.31 -4.90 -0.60
C22 I1S F . -4.13 0.08 4.77
C23 I1S F . -3.20 -0.82 5.32
C24 I1S F . -2.21 -1.95 7.34
O2P I1S F . -0.14 -4.35 7.68
C30 I1S F . -3.27 -4.42 0.23
C31 I1S F . -3.59 -4.00 1.51
O3P I1S F . -2.07 -5.83 8.30
C4 I1S G . 9.24 20.74 -14.26
C4 I1S G . 9.01 20.71 -14.58
C5 I1S G . 10.51 20.46 -14.74
C5 I1S G . 10.33 20.49 -14.98
C6 I1S G . 9.10 21.00 -12.89
C6 I1S G . 8.75 20.96 -13.22
C7 I1S G . 10.16 20.99 -12.02
C7 I1S G . 9.76 21.05 -12.27
O8 I1S G . 11.93 17.16 -9.89
O8 I1S G . 12.13 17.80 -10.81
C9 I1S G . 10.78 17.97 -9.97
C9 I1S G . 10.76 18.26 -10.76
N10 I1S G . 10.83 19.26 -9.59
N10 I1S G . 10.62 19.40 -10.11
C11 I1S G . 9.59 20.04 -9.76
C11 I1S G . 9.34 20.08 -9.95
O12 I1S G . 9.83 17.33 -10.39
O12 I1S G . 9.87 17.59 -11.30
P13 I1S G . 9.02 20.58 -8.12
P13 I1S G . 9.03 20.54 -8.17
C17 I1S G . 11.86 15.92 -10.64
C17 I1S G . 12.64 17.72 -12.18
C18 I1S G . 13.21 15.44 -11.13
C18 I1S G . 13.89 16.90 -12.43
C19 I1S G . 14.08 16.29 -11.82
C19 I1S G . 15.09 17.18 -11.78
C20 I1S G . 15.32 15.83 -12.27
C20 I1S G . 16.22 16.43 -12.05
C21 I1S G . 15.74 14.51 -12.02
C21 I1S G . 16.22 15.39 -13.00
C22 I1S G . 11.59 20.44 -13.87
C22 I1S G . 11.36 20.55 -14.03
C23 I1S G . 11.45 20.69 -12.48
C23 I1S G . 11.09 20.82 -12.68
C24 I1S G . 9.90 21.29 -10.59
C24 I1S G . 9.44 21.34 -10.83
O2P I1S G . 8.88 19.41 -7.19
O2P I1S G . 8.86 19.36 -7.25
C30 I1S G . 14.86 13.65 -11.34
C30 I1S G . 15.02 15.12 -13.67
C31 I1S G . 13.62 14.13 -10.89
C31 I1S G . 13.88 15.90 -13.42
O3P I1S G . 9.93 21.70 -7.62
O3P I1S G . 9.94 21.63 -7.62
C4 I1S H . -18.80 -15.78 10.23
C5 I1S H . -18.82 -15.91 11.61
C6 I1S H . -17.90 -16.53 9.45
C7 I1S H . -17.02 -17.41 10.07
O8 I1S H . -13.82 -16.27 12.50
C9 I1S H . -14.11 -16.23 11.11
N10 I1S H . -14.14 -17.46 10.52
C11 I1S H . -14.63 -17.51 9.15
O12 I1S H . -14.25 -15.07 10.56
P13 I1S H . -13.52 -18.47 8.13
C17 I1S H . -14.31 -15.11 13.23
C18 I1S H . -13.83 -15.24 14.65
C19 I1S H . -13.47 -16.50 15.13
C20 I1S H . -13.04 -16.62 16.45
C21 I1S H . -12.93 -15.48 17.22
C22 I1S H . -17.93 -16.81 12.23
C23 I1S H . -17.00 -17.53 11.45
C24 I1S H . -16.00 -18.24 9.24
O2P I1S H . -13.47 -19.97 8.42
C30 I1S H . -13.30 -14.22 16.78
C31 I1S H . -13.78 -14.09 15.47
O3P I1S H . -12.19 -17.78 8.06
#